data_5GGX
#
_entry.id   5GGX
#
_cell.length_a   191.145
_cell.length_b   191.145
_cell.length_c   129.164
_cell.angle_alpha   90.00
_cell.angle_beta   90.00
_cell.angle_gamma   120.00
#
_symmetry.space_group_name_H-M   'P 32 2 1'
#
loop_
_entity.id
_entity.type
_entity.pdbx_description
1 polymer 'Iron(III) ABC transporter, periplasmic iron-compound-binding protein'
2 non-polymer 'DEFEROXAMINE MESYLATE FE(III) COMPLEX'
#
_entity_poly.entity_id   1
_entity_poly.type   'polypeptide(L)'
_entity_poly.pdbx_seq_one_letter_code
;HHHHHHSSGLVPRGSHMRVVVLNWDLLEQVLELGIQPVGAPELSSYVQWVVQPEVPSSVQDIGTRTEPNLEKIAALKPDV
ILAAGPQQDLLATLGRIAPVVYLPNFSEQDNAAQVAISHFKTLATLFGKEAVAQQKLEAMYARFSELKASLQHAFGDTLP
AVVTLRFANPTSVFLYTENSTPQYVLEQLGLSSALPQPPKEWGIVQKRLSELQHVEQGYVLYFLPFAEEKKVQKSVLWRA
MPFVQAGRVNSVRPVWSYGGAMSLRYSAEAITESLLAVAPQS
;
_entity_poly.pdbx_strand_id   A,B,C,D
#
loop_
_chem_comp.id
_chem_comp.type
_chem_comp.name
_chem_comp.formula
DEF non-polymer 'DEFEROXAMINE MESYLATE FE(III) COMPLEX' 'C27 H49 Fe N6 O11 S'
#
# COMPACT_ATOMS: atom_id res chain seq x y z
N HIS A 16 17.83 -34.71 5.99
CA HIS A 16 16.69 -34.75 6.91
C HIS A 16 16.99 -34.01 8.20
N MET A 17 16.74 -32.70 8.20
CA MET A 17 16.95 -31.92 9.41
C MET A 17 15.64 -31.93 10.21
N ARG A 18 15.71 -31.57 11.49
CA ARG A 18 14.51 -31.57 12.30
C ARG A 18 13.94 -30.15 12.36
N VAL A 19 12.94 -29.90 11.52
CA VAL A 19 12.42 -28.54 11.35
C VAL A 19 11.15 -28.31 12.16
N VAL A 20 11.07 -27.13 12.78
CA VAL A 20 9.85 -26.69 13.45
C VAL A 20 9.40 -25.35 12.88
N VAL A 21 8.23 -25.35 12.24
CA VAL A 21 7.66 -24.11 11.71
C VAL A 21 6.64 -23.54 12.68
N LEU A 22 6.50 -22.21 12.71
CA LEU A 22 5.62 -21.57 13.67
C LEU A 22 4.53 -20.75 12.99
N ASN A 23 4.53 -20.76 11.66
CA ASN A 23 3.53 -20.02 10.90
C ASN A 23 3.02 -20.86 9.73
N TRP A 24 1.77 -20.62 9.33
CA TRP A 24 1.14 -21.45 8.31
C TRP A 24 1.76 -21.29 6.93
N ASP A 25 2.23 -20.10 6.61
CA ASP A 25 2.86 -19.87 5.31
C ASP A 25 4.16 -20.66 5.21
N LEU A 26 4.98 -20.59 6.26
CA LEU A 26 6.24 -21.32 6.28
C LEU A 26 5.98 -22.82 6.31
N LEU A 27 4.88 -23.22 6.94
CA LEU A 27 4.47 -24.61 6.97
C LEU A 27 4.20 -25.10 5.55
N GLU A 28 3.50 -24.28 4.76
CA GLU A 28 3.25 -24.63 3.37
C GLU A 28 4.55 -24.68 2.59
N GLN A 29 5.36 -23.62 2.72
CA GLN A 29 6.63 -23.51 2.00
C GLN A 29 7.53 -24.72 2.26
N VAL A 30 7.65 -25.09 3.53
CA VAL A 30 8.53 -26.20 3.91
C VAL A 30 7.96 -27.53 3.42
N LEU A 31 6.64 -27.68 3.47
CA LEU A 31 5.98 -28.90 3.01
C LEU A 31 6.05 -29.02 1.50
N GLU A 32 5.94 -27.88 0.82
CA GLU A 32 5.94 -27.85 -0.64
C GLU A 32 7.32 -28.22 -1.19
N LEU A 33 8.35 -28.02 -0.38
CA LEU A 33 9.71 -28.35 -0.77
C LEU A 33 10.01 -29.82 -0.52
N GLY A 34 9.01 -30.54 -0.03
CA GLY A 34 9.15 -31.96 0.25
C GLY A 34 9.71 -32.25 1.62
N ILE A 35 9.85 -31.20 2.43
CA ILE A 35 10.34 -31.33 3.79
C ILE A 35 9.22 -31.49 4.79
N GLN A 36 9.38 -32.45 5.71
CA GLN A 36 8.34 -32.72 6.69
C GLN A 36 8.82 -32.34 8.09
N PRO A 37 8.33 -31.20 8.61
CA PRO A 37 8.70 -30.66 9.91
C PRO A 37 8.25 -31.55 11.06
N VAL A 38 8.79 -31.31 12.24
CA VAL A 38 8.42 -32.08 13.42
C VAL A 38 7.36 -31.33 14.24
N GLY A 39 7.27 -30.03 14.01
CA GLY A 39 6.29 -29.20 14.70
C GLY A 39 5.67 -28.15 13.80
N ALA A 40 4.38 -27.90 14.02
CA ALA A 40 3.65 -26.90 13.26
C ALA A 40 2.45 -26.41 14.06
N PRO A 41 2.06 -25.14 13.87
CA PRO A 41 1.00 -24.53 14.66
C PRO A 41 -0.41 -24.76 14.13
N GLU A 42 -1.38 -24.88 15.03
CA GLU A 42 -2.80 -24.98 14.69
C GLU A 42 -3.10 -25.97 13.58
N LEU A 43 -2.75 -27.24 13.78
CA LEU A 43 -2.95 -28.25 12.76
C LEU A 43 -4.44 -28.56 12.56
N SER A 44 -5.22 -28.41 13.63
CA SER A 44 -6.65 -28.63 13.57
C SER A 44 -7.34 -27.56 12.73
N SER A 45 -6.93 -26.31 12.95
CA SER A 45 -7.49 -25.18 12.21
C SER A 45 -6.91 -25.11 10.80
N TYR A 46 -5.74 -25.71 10.62
CA TYR A 46 -5.03 -25.69 9.35
C TYR A 46 -5.83 -26.38 8.24
N VAL A 47 -6.44 -27.52 8.57
CA VAL A 47 -7.18 -28.30 7.59
C VAL A 47 -8.53 -27.67 7.26
N GLN A 48 -8.80 -26.51 7.85
CA GLN A 48 -10.06 -25.82 7.62
C GLN A 48 -9.89 -24.56 6.78
N TRP A 49 -8.76 -23.88 6.92
CA TRP A 49 -8.58 -22.58 6.27
C TRP A 49 -7.62 -22.60 5.08
N VAL A 50 -6.48 -23.27 5.23
CA VAL A 50 -5.49 -23.36 4.16
C VAL A 50 -5.66 -24.65 3.37
N VAL A 51 -5.73 -25.77 4.10
CA VAL A 51 -6.12 -27.09 3.58
C VAL A 51 -5.24 -27.65 2.44
N GLN A 52 -4.92 -26.86 1.43
CA GLN A 52 -4.34 -27.39 0.18
C GLN A 52 -3.02 -28.15 0.38
N PRO A 53 -1.98 -27.50 0.95
CA PRO A 53 -0.83 -28.39 1.16
C PRO A 53 -1.02 -29.19 2.45
N GLU A 54 -1.61 -30.38 2.31
CA GLU A 54 -2.00 -31.20 3.45
C GLU A 54 -0.85 -31.53 4.38
N VAL A 55 -0.99 -31.17 5.65
CA VAL A 55 0.02 -31.48 6.65
C VAL A 55 -0.02 -32.96 6.99
N PRO A 56 1.15 -33.63 6.88
CA PRO A 56 1.27 -35.06 7.15
C PRO A 56 0.85 -35.44 8.56
N SER A 57 0.63 -36.73 8.78
CA SER A 57 0.18 -37.26 10.07
C SER A 57 1.30 -37.18 11.11
N SER A 58 2.53 -37.14 10.63
CA SER A 58 3.70 -37.19 11.49
C SER A 58 3.91 -35.89 12.27
N VAL A 59 3.62 -34.77 11.63
CA VAL A 59 3.83 -33.46 12.23
C VAL A 59 2.99 -33.24 13.49
N GLN A 60 3.64 -32.81 14.56
CA GLN A 60 2.95 -32.58 15.83
C GLN A 60 2.54 -31.12 16.00
N ASP A 61 1.43 -30.91 16.69
CA ASP A 61 0.92 -29.58 16.95
C ASP A 61 1.66 -28.93 18.12
N ILE A 62 2.46 -27.92 17.82
CA ILE A 62 3.28 -27.24 18.83
C ILE A 62 2.59 -26.02 19.41
N GLY A 63 1.27 -25.98 19.30
CA GLY A 63 0.51 -24.86 19.81
C GLY A 63 -0.12 -24.05 18.68
N THR A 64 -0.30 -22.76 18.93
CA THR A 64 -0.89 -21.88 17.93
C THR A 64 0.18 -21.10 17.19
N ARG A 65 -0.25 -20.30 16.22
CA ARG A 65 0.66 -19.41 15.50
C ARG A 65 1.08 -18.32 16.47
N THR A 66 0.25 -17.29 16.59
CA THR A 66 0.48 -16.17 17.50
C THR A 66 1.11 -16.54 18.85
N GLU A 67 0.71 -17.67 19.41
CA GLU A 67 1.20 -18.10 20.73
C GLU A 67 1.69 -19.55 20.78
N PRO A 68 2.90 -19.81 20.24
CA PRO A 68 3.47 -21.17 20.24
C PRO A 68 3.89 -21.67 21.62
N ASN A 69 3.92 -22.99 21.79
CA ASN A 69 4.33 -23.63 23.05
C ASN A 69 5.83 -23.95 23.09
N LEU A 70 6.59 -23.19 23.87
CA LEU A 70 8.04 -23.40 23.94
C LEU A 70 8.44 -24.74 24.53
N GLU A 71 7.66 -25.21 25.50
CA GLU A 71 7.95 -26.49 26.15
C GLU A 71 7.88 -27.64 25.15
N LYS A 72 6.90 -27.59 24.25
CA LYS A 72 6.70 -28.64 23.26
C LYS A 72 7.76 -28.55 22.18
N ILE A 73 8.07 -27.34 21.75
CA ILE A 73 9.06 -27.13 20.69
C ILE A 73 10.44 -27.59 21.15
N ALA A 74 10.75 -27.33 22.43
CA ALA A 74 12.02 -27.72 22.99
C ALA A 74 12.08 -29.23 23.21
N ALA A 75 10.90 -29.82 23.40
CA ALA A 75 10.81 -31.26 23.64
C ALA A 75 11.02 -32.04 22.35
N LEU A 76 10.82 -31.37 21.22
CA LEU A 76 11.02 -32.03 19.92
C LEU A 76 12.49 -31.98 19.51
N LYS A 77 13.30 -31.22 20.24
CA LYS A 77 14.71 -31.04 19.94
C LYS A 77 14.93 -30.70 18.46
N PRO A 78 14.52 -29.48 18.06
CA PRO A 78 14.66 -29.08 16.66
C PRO A 78 16.10 -28.68 16.33
N ASP A 79 16.48 -28.81 15.07
CA ASP A 79 17.79 -28.34 14.63
C ASP A 79 17.66 -26.94 14.04
N VAL A 80 16.44 -26.60 13.62
CA VAL A 80 16.14 -25.27 13.10
C VAL A 80 14.69 -24.91 13.40
N ILE A 81 14.44 -23.62 13.67
CA ILE A 81 13.08 -23.14 13.89
C ILE A 81 12.73 -22.05 12.88
N LEU A 82 11.69 -22.29 12.08
CA LEU A 82 11.27 -21.32 11.07
C LEU A 82 10.18 -20.42 11.62
N ALA A 83 10.52 -19.15 11.85
CA ALA A 83 9.56 -18.19 12.38
C ALA A 83 9.28 -17.08 11.38
N ALA A 84 8.05 -16.56 11.40
CA ALA A 84 7.64 -15.50 10.50
C ALA A 84 7.30 -14.22 11.28
N GLY A 85 6.57 -13.34 10.62
CA GLY A 85 6.14 -12.07 11.20
C GLY A 85 5.57 -12.11 12.62
N PRO A 86 4.45 -12.82 12.81
CA PRO A 86 3.76 -12.85 14.11
C PRO A 86 4.57 -13.44 15.27
N GLN A 87 5.74 -13.99 14.97
CA GLN A 87 6.58 -14.57 16.02
C GLN A 87 7.87 -13.77 16.22
N GLN A 88 7.88 -12.53 15.76
CA GLN A 88 9.12 -11.74 15.77
C GLN A 88 9.54 -11.37 17.20
N ASP A 89 8.56 -11.30 18.11
CA ASP A 89 8.85 -10.93 19.49
C ASP A 89 9.36 -12.12 20.29
N LEU A 90 9.43 -13.28 19.65
CA LEU A 90 9.84 -14.50 20.32
C LEU A 90 11.17 -15.02 19.79
N LEU A 91 11.70 -14.35 18.76
CA LEU A 91 12.93 -14.78 18.08
C LEU A 91 14.11 -14.96 19.04
N ALA A 92 14.24 -14.04 19.99
CA ALA A 92 15.33 -14.09 20.95
C ALA A 92 15.24 -15.32 21.85
N THR A 93 14.02 -15.65 22.26
CA THR A 93 13.79 -16.79 23.15
C THR A 93 13.97 -18.11 22.40
N LEU A 94 13.53 -18.13 21.14
CA LEU A 94 13.59 -19.33 20.32
C LEU A 94 15.02 -19.74 19.97
N GLY A 95 15.92 -18.76 19.89
CA GLY A 95 17.30 -19.05 19.55
C GLY A 95 18.02 -19.89 20.59
N ARG A 96 17.54 -19.80 21.83
CA ARG A 96 18.08 -20.60 22.93
C ARG A 96 17.63 -22.05 22.85
N ILE A 97 16.60 -22.31 22.04
CA ILE A 97 16.11 -23.67 21.82
C ILE A 97 16.82 -24.27 20.62
N ALA A 98 16.87 -23.52 19.53
CA ALA A 98 17.51 -23.96 18.30
C ALA A 98 17.77 -22.74 17.42
N PRO A 99 18.74 -22.84 16.49
CA PRO A 99 18.94 -21.76 15.53
C PRO A 99 17.64 -21.40 14.81
N VAL A 100 17.38 -20.11 14.67
CA VAL A 100 16.10 -19.65 14.11
C VAL A 100 16.29 -18.96 12.78
N VAL A 101 15.44 -19.31 11.81
CA VAL A 101 15.41 -18.62 10.53
C VAL A 101 14.15 -17.77 10.45
N TYR A 102 14.34 -16.46 10.48
CA TYR A 102 13.23 -15.51 10.52
C TYR A 102 12.88 -15.00 9.12
N LEU A 103 11.72 -15.42 8.63
CA LEU A 103 11.26 -15.03 7.30
C LEU A 103 9.94 -14.27 7.39
N PRO A 104 10.03 -12.94 7.55
CA PRO A 104 8.83 -12.12 7.70
C PRO A 104 8.15 -11.82 6.38
N ASN A 105 6.86 -11.46 6.43
CA ASN A 105 6.09 -11.19 5.24
C ASN A 105 4.76 -10.54 5.59
N PHE A 106 4.06 -10.05 4.56
CA PHE A 106 2.73 -9.45 4.68
C PHE A 106 2.70 -8.20 5.56
N SER A 107 3.68 -7.33 5.37
CA SER A 107 3.64 -6.01 5.97
C SER A 107 3.00 -5.04 4.98
N GLU A 108 2.89 -3.78 5.36
CA GLU A 108 2.31 -2.79 4.47
C GLU A 108 3.27 -2.51 3.30
N GLN A 109 4.53 -2.85 3.49
CA GLN A 109 5.54 -2.56 2.46
C GLN A 109 5.84 -3.79 1.61
N ASP A 110 5.59 -4.97 2.15
CA ASP A 110 5.86 -6.21 1.43
C ASP A 110 4.84 -6.45 0.32
N ASN A 111 5.33 -6.85 -0.84
CA ASN A 111 4.45 -7.20 -1.96
C ASN A 111 3.93 -8.63 -1.86
N ALA A 112 3.83 -9.13 -0.63
CA ALA A 112 3.29 -10.46 -0.31
C ALA A 112 3.74 -11.59 -1.24
N ALA A 113 3.31 -11.52 -2.50
CA ALA A 113 3.54 -12.60 -3.46
C ALA A 113 5.02 -12.80 -3.78
N GLN A 114 5.69 -11.72 -4.19
CA GLN A 114 7.13 -11.79 -4.47
C GLN A 114 7.91 -12.29 -3.26
N VAL A 115 7.62 -11.74 -2.09
CA VAL A 115 8.30 -12.13 -0.87
C VAL A 115 8.02 -13.59 -0.53
N ALA A 116 6.81 -14.04 -0.80
CA ALA A 116 6.44 -15.44 -0.57
C ALA A 116 7.22 -16.37 -1.49
N ILE A 117 7.52 -15.87 -2.69
CA ILE A 117 8.31 -16.63 -3.65
C ILE A 117 9.79 -16.60 -3.31
N SER A 118 10.29 -15.43 -2.93
CA SER A 118 11.70 -15.28 -2.58
C SER A 118 12.04 -16.06 -1.31
N HIS A 119 11.07 -16.17 -0.41
CA HIS A 119 11.24 -16.97 0.80
C HIS A 119 11.22 -18.45 0.44
N PHE A 120 10.40 -18.80 -0.54
CA PHE A 120 10.32 -20.16 -1.06
C PHE A 120 11.65 -20.57 -1.68
N LYS A 121 12.31 -19.61 -2.33
CA LYS A 121 13.61 -19.84 -2.93
C LYS A 121 14.70 -19.95 -1.86
N THR A 122 14.63 -19.07 -0.87
CA THR A 122 15.60 -19.05 0.22
C THR A 122 15.53 -20.33 1.04
N LEU A 123 14.31 -20.76 1.35
CA LEU A 123 14.11 -22.01 2.09
C LEU A 123 14.61 -23.21 1.30
N ALA A 124 14.47 -23.15 -0.02
CA ALA A 124 14.92 -24.23 -0.89
C ALA A 124 16.45 -24.36 -0.85
N THR A 125 17.14 -23.24 -0.97
CA THR A 125 18.61 -23.24 -0.97
C THR A 125 19.17 -23.66 0.38
N LEU A 126 18.51 -23.22 1.45
CA LEU A 126 18.96 -23.56 2.80
C LEU A 126 18.79 -25.04 3.08
N PHE A 127 17.76 -25.64 2.49
CA PHE A 127 17.45 -27.04 2.72
C PHE A 127 17.87 -27.92 1.54
N GLY A 128 18.57 -27.32 0.58
CA GLY A 128 19.12 -28.06 -0.54
C GLY A 128 18.12 -28.47 -1.60
N LYS A 129 16.84 -28.24 -1.33
CA LYS A 129 15.78 -28.57 -2.29
C LYS A 129 15.59 -27.47 -3.33
N GLU A 130 16.69 -27.08 -3.98
CA GLU A 130 16.68 -25.98 -4.93
C GLU A 130 16.01 -26.38 -6.22
N ALA A 131 16.22 -27.63 -6.63
CA ALA A 131 15.66 -28.15 -7.87
C ALA A 131 14.13 -28.27 -7.80
N VAL A 132 13.64 -28.81 -6.69
CA VAL A 132 12.21 -29.00 -6.50
C VAL A 132 11.46 -27.68 -6.52
N ALA A 133 12.08 -26.64 -5.97
CA ALA A 133 11.47 -25.32 -5.91
C ALA A 133 11.27 -24.73 -7.31
N GLN A 134 12.31 -24.80 -8.12
CA GLN A 134 12.28 -24.25 -9.47
C GLN A 134 11.27 -24.97 -10.34
N GLN A 135 11.19 -26.28 -10.18
CA GLN A 135 10.24 -27.10 -10.94
C GLN A 135 8.81 -26.67 -10.64
N LYS A 136 8.52 -26.42 -9.37
CA LYS A 136 7.18 -26.00 -8.95
C LYS A 136 6.85 -24.59 -9.42
N LEU A 137 7.85 -23.70 -9.36
CA LEU A 137 7.66 -22.31 -9.79
C LEU A 137 7.37 -22.23 -11.28
N GLU A 138 8.09 -23.03 -12.07
CA GLU A 138 7.86 -23.07 -13.51
C GLU A 138 6.48 -23.62 -13.79
N ALA A 139 6.04 -24.56 -12.96
CA ALA A 139 4.71 -25.13 -13.09
C ALA A 139 3.65 -24.12 -12.68
N MET A 140 3.99 -23.26 -11.74
CA MET A 140 3.06 -22.24 -11.26
C MET A 140 2.80 -21.18 -12.32
N TYR A 141 3.88 -20.66 -12.89
CA TYR A 141 3.80 -19.63 -13.92
C TYR A 141 3.09 -20.16 -15.15
N ALA A 142 3.36 -21.41 -15.49
CA ALA A 142 2.70 -22.05 -16.63
C ALA A 142 1.21 -22.23 -16.35
N ARG A 143 0.88 -22.61 -15.12
CA ARG A 143 -0.51 -22.82 -14.74
C ARG A 143 -1.29 -21.50 -14.79
N PHE A 144 -0.61 -20.40 -14.43
CA PHE A 144 -1.22 -19.08 -14.50
C PHE A 144 -1.74 -18.77 -15.90
N SER A 145 -0.86 -18.93 -16.89
CA SER A 145 -1.19 -18.66 -18.28
C SER A 145 -2.26 -19.63 -18.79
N GLU A 146 -2.24 -20.85 -18.25
CA GLU A 146 -3.23 -21.86 -18.60
C GLU A 146 -4.63 -21.41 -18.20
N LEU A 147 -4.75 -20.94 -16.96
CA LEU A 147 -6.02 -20.47 -16.43
C LEU A 147 -6.49 -19.21 -17.15
N LYS A 148 -5.55 -18.31 -17.46
CA LYS A 148 -5.84 -17.10 -18.20
C LYS A 148 -6.49 -17.41 -19.54
N ALA A 149 -5.96 -18.41 -20.24
CA ALA A 149 -6.49 -18.82 -21.53
C ALA A 149 -7.90 -19.39 -21.39
N SER A 150 -8.11 -20.22 -20.37
CA SER A 150 -9.41 -20.83 -20.13
C SER A 150 -10.43 -19.80 -19.68
N LEU A 151 -9.95 -18.67 -19.16
CA LEU A 151 -10.82 -17.59 -18.75
C LEU A 151 -11.22 -16.75 -19.96
N GLN A 152 -10.28 -16.62 -20.90
CA GLN A 152 -10.52 -15.90 -22.14
C GLN A 152 -11.44 -16.69 -23.07
N HIS A 153 -11.51 -18.00 -22.87
CA HIS A 153 -12.41 -18.85 -23.62
C HIS A 153 -13.80 -18.93 -22.97
N ALA A 154 -14.01 -18.15 -21.91
CA ALA A 154 -15.26 -18.21 -21.17
C ALA A 154 -15.75 -16.80 -20.84
N PHE A 155 -14.82 -15.86 -20.84
CA PHE A 155 -15.12 -14.45 -20.61
C PHE A 155 -14.59 -13.59 -21.76
N GLY A 156 -13.28 -13.69 -21.94
CA GLY A 156 -12.51 -12.95 -22.93
C GLY A 156 -13.06 -12.60 -24.30
N ASP A 157 -12.30 -11.80 -25.04
CA ASP A 157 -10.95 -11.41 -24.64
C ASP A 157 -10.91 -10.22 -23.68
N THR A 158 -12.09 -9.72 -23.30
CA THR A 158 -12.16 -8.66 -22.31
C THR A 158 -12.57 -9.24 -20.96
N LEU A 159 -11.57 -9.65 -20.18
CA LEU A 159 -11.78 -10.24 -18.87
C LEU A 159 -12.44 -9.26 -17.90
N PRO A 160 -13.35 -9.76 -17.06
CA PRO A 160 -14.11 -8.89 -16.17
C PRO A 160 -13.27 -8.35 -15.02
N ALA A 161 -13.84 -7.43 -14.25
CA ALA A 161 -13.19 -6.90 -13.07
C ALA A 161 -13.71 -7.62 -11.85
N VAL A 162 -12.81 -8.06 -10.98
CA VAL A 162 -13.19 -8.94 -9.86
C VAL A 162 -12.84 -8.36 -8.50
N VAL A 163 -13.76 -8.55 -7.54
CA VAL A 163 -13.50 -8.21 -6.14
C VAL A 163 -13.27 -9.47 -5.33
N THR A 164 -12.10 -9.57 -4.69
CA THR A 164 -11.79 -10.70 -3.83
C THR A 164 -11.85 -10.28 -2.38
N LEU A 165 -12.59 -11.02 -1.57
CA LEU A 165 -12.76 -10.65 -0.17
C LEU A 165 -13.01 -11.82 0.77
N ARG A 166 -12.92 -11.55 2.07
CA ARG A 166 -13.38 -12.46 3.10
C ARG A 166 -14.31 -11.73 4.06
N PHE A 167 -15.40 -12.39 4.43
CA PHE A 167 -16.37 -11.82 5.36
C PHE A 167 -15.82 -11.77 6.79
N ALA A 168 -15.96 -10.61 7.43
CA ALA A 168 -15.63 -10.48 8.85
C ALA A 168 -16.85 -10.87 9.67
N ASN A 169 -17.95 -10.19 9.38
CA ASN A 169 -19.26 -10.52 9.93
C ASN A 169 -20.27 -10.27 8.80
N PRO A 170 -21.54 -10.67 9.00
CA PRO A 170 -22.55 -10.44 7.95
C PRO A 170 -22.70 -8.98 7.48
N THR A 171 -22.01 -8.03 8.12
CA THR A 171 -22.13 -6.63 7.73
C THR A 171 -20.78 -6.00 7.37
N SER A 172 -19.69 -6.71 7.63
CA SER A 172 -18.36 -6.21 7.30
C SER A 172 -17.59 -7.18 6.41
N VAL A 173 -16.68 -6.63 5.61
CA VAL A 173 -15.97 -7.41 4.61
C VAL A 173 -14.49 -7.06 4.58
N PHE A 174 -13.64 -8.07 4.42
CA PHE A 174 -12.20 -7.83 4.28
C PHE A 174 -11.81 -7.75 2.81
N LEU A 175 -11.73 -6.53 2.28
CA LEU A 175 -11.25 -6.32 0.92
C LEU A 175 -9.74 -6.45 0.85
N TYR A 176 -9.22 -7.05 -0.22
CA TYR A 176 -7.79 -7.25 -0.36
C TYR A 176 -7.12 -6.10 -1.11
N THR A 177 -6.00 -5.62 -0.58
CA THR A 177 -5.35 -4.42 -1.10
C THR A 177 -4.42 -4.73 -2.26
N GLU A 178 -3.74 -3.70 -2.75
CA GLU A 178 -2.89 -3.82 -3.94
C GLU A 178 -1.65 -4.67 -3.68
N ASN A 179 -1.27 -4.82 -2.41
CA ASN A 179 -0.07 -5.57 -2.07
C ASN A 179 -0.40 -6.98 -1.58
N SER A 180 -1.67 -7.34 -1.65
CA SER A 180 -2.13 -8.66 -1.21
C SER A 180 -1.88 -9.72 -2.28
N THR A 181 -1.97 -10.98 -1.89
CA THR A 181 -1.79 -12.08 -2.85
C THR A 181 -3.00 -12.30 -3.78
N PRO A 182 -4.24 -12.06 -3.31
CA PRO A 182 -5.31 -12.19 -4.30
C PRO A 182 -5.22 -11.13 -5.40
N GLN A 183 -4.73 -9.94 -5.05
CA GLN A 183 -4.53 -8.88 -6.03
C GLN A 183 -3.52 -9.33 -7.08
N TYR A 184 -2.45 -9.97 -6.62
CA TYR A 184 -1.42 -10.51 -7.50
C TYR A 184 -1.99 -11.56 -8.44
N VAL A 185 -2.82 -12.45 -7.89
CA VAL A 185 -3.44 -13.52 -8.68
C VAL A 185 -4.34 -12.96 -9.78
N LEU A 186 -5.17 -11.97 -9.45
CA LEU A 186 -6.06 -11.35 -10.42
C LEU A 186 -5.30 -10.77 -11.61
N GLU A 187 -4.15 -10.16 -11.32
CA GLU A 187 -3.33 -9.56 -12.37
C GLU A 187 -2.67 -10.63 -13.23
N GLN A 188 -2.32 -11.76 -12.61
CA GLN A 188 -1.68 -12.86 -13.33
C GLN A 188 -2.68 -13.58 -14.24
N LEU A 189 -3.96 -13.48 -13.90
CA LEU A 189 -5.01 -14.10 -14.71
C LEU A 189 -5.52 -13.14 -15.78
N GLY A 190 -5.05 -11.90 -15.72
CA GLY A 190 -5.47 -10.89 -16.68
C GLY A 190 -6.78 -10.25 -16.28
N LEU A 191 -7.23 -10.53 -15.06
CA LEU A 191 -8.48 -9.97 -14.56
C LEU A 191 -8.24 -8.56 -14.04
N SER A 192 -9.25 -7.71 -14.16
CA SER A 192 -9.13 -6.34 -13.66
C SER A 192 -9.49 -6.27 -12.19
N SER A 193 -9.05 -5.20 -11.54
CA SER A 193 -9.33 -4.99 -10.13
C SER A 193 -10.59 -4.15 -9.97
N ALA A 194 -11.71 -4.80 -9.69
CA ALA A 194 -13.00 -4.12 -9.59
C ALA A 194 -13.07 -3.18 -8.39
N LEU A 195 -12.17 -3.34 -7.44
CA LEU A 195 -12.16 -2.49 -6.26
C LEU A 195 -10.78 -2.45 -5.60
N PRO A 196 -9.82 -1.75 -6.25
CA PRO A 196 -8.44 -1.67 -5.77
C PRO A 196 -8.34 -0.97 -4.43
N GLN A 197 -7.33 -1.32 -3.63
CA GLN A 197 -7.14 -0.68 -2.34
C GLN A 197 -5.66 -0.38 -2.10
N PRO A 198 -5.38 0.77 -1.44
CA PRO A 198 -4.02 1.14 -1.08
C PRO A 198 -3.39 0.11 -0.14
N PRO A 199 -2.07 -0.08 -0.21
CA PRO A 199 -1.35 -1.10 0.56
C PRO A 199 -1.61 -1.04 2.06
N LYS A 200 -1.85 -2.19 2.66
CA LYS A 200 -2.09 -2.27 4.10
C LYS A 200 -1.44 -3.55 4.64
N GLU A 201 -1.37 -3.69 5.96
CA GLU A 201 -0.80 -4.88 6.58
C GLU A 201 -1.67 -6.09 6.33
N TRP A 202 -1.04 -7.23 6.06
CA TRP A 202 -1.72 -8.48 5.71
C TRP A 202 -2.53 -8.35 4.41
N GLY A 203 -2.42 -7.19 3.76
CA GLY A 203 -3.04 -6.96 2.48
C GLY A 203 -4.55 -6.79 2.49
N ILE A 204 -5.14 -6.48 3.64
CA ILE A 204 -6.60 -6.36 3.70
C ILE A 204 -7.06 -5.02 4.26
N VAL A 205 -8.30 -4.67 3.94
CA VAL A 205 -8.98 -3.53 4.57
C VAL A 205 -10.39 -3.99 4.96
N GLN A 206 -10.80 -3.68 6.18
CA GLN A 206 -12.13 -4.06 6.63
C GLN A 206 -13.14 -2.98 6.31
N LYS A 207 -13.96 -3.24 5.31
CA LYS A 207 -15.00 -2.29 4.91
C LYS A 207 -16.40 -2.83 5.24
N ARG A 208 -17.36 -1.92 5.29
CA ARG A 208 -18.76 -2.30 5.51
C ARG A 208 -19.28 -2.96 4.24
N LEU A 209 -20.19 -3.91 4.40
CA LEU A 209 -20.77 -4.62 3.26
C LEU A 209 -21.50 -3.66 2.33
N SER A 210 -21.98 -2.56 2.90
CA SER A 210 -22.71 -1.54 2.15
C SER A 210 -21.85 -0.82 1.12
N GLU A 211 -20.54 -0.98 1.20
CA GLU A 211 -19.63 -0.34 0.25
C GLU A 211 -19.68 -1.06 -1.09
N LEU A 212 -20.21 -2.27 -1.08
CA LEU A 212 -20.38 -3.05 -2.29
C LEU A 212 -21.67 -2.70 -3.03
N GLN A 213 -22.33 -1.64 -2.60
CA GLN A 213 -23.57 -1.22 -3.25
C GLN A 213 -23.31 -0.60 -4.62
N HIS A 214 -22.11 -0.05 -4.81
CA HIS A 214 -21.79 0.65 -6.05
C HIS A 214 -20.90 -0.15 -7.01
N VAL A 215 -20.45 -1.33 -6.59
CA VAL A 215 -19.73 -2.20 -7.51
C VAL A 215 -20.81 -2.92 -8.34
N GLU A 216 -21.29 -2.20 -9.35
CA GLU A 216 -22.39 -2.65 -10.17
C GLU A 216 -21.87 -3.61 -11.22
N GLN A 217 -20.97 -3.12 -12.06
CA GLN A 217 -20.39 -3.92 -13.12
C GLN A 217 -19.16 -4.67 -12.63
N GLY A 218 -19.25 -5.99 -12.60
CA GLY A 218 -18.12 -6.84 -12.26
C GLY A 218 -18.48 -8.06 -11.45
N TYR A 219 -17.48 -8.75 -10.93
CA TYR A 219 -17.68 -9.97 -10.17
C TYR A 219 -17.13 -9.88 -8.75
N VAL A 220 -17.83 -10.50 -7.81
CA VAL A 220 -17.39 -10.51 -6.41
C VAL A 220 -17.20 -11.94 -5.92
N LEU A 221 -15.99 -12.23 -5.46
CA LEU A 221 -15.66 -13.56 -4.94
C LEU A 221 -15.28 -13.50 -3.47
N TYR A 222 -15.79 -14.42 -2.68
CA TYR A 222 -15.45 -14.47 -1.26
C TYR A 222 -14.89 -15.84 -0.89
N PHE A 223 -13.80 -15.84 -0.14
CA PHE A 223 -13.11 -17.08 0.21
C PHE A 223 -13.81 -17.84 1.33
N LEU A 224 -13.73 -19.16 1.26
CA LEU A 224 -14.27 -20.03 2.28
C LEU A 224 -13.15 -20.47 3.23
N PRO A 225 -13.50 -20.92 4.45
CA PRO A 225 -14.86 -21.04 4.99
C PRO A 225 -15.38 -19.75 5.61
N PHE A 226 -16.69 -19.68 5.74
CA PHE A 226 -17.34 -18.60 6.47
C PHE A 226 -18.58 -19.14 7.16
N ALA A 227 -18.53 -19.18 8.49
CA ALA A 227 -19.55 -19.84 9.29
C ALA A 227 -20.92 -19.18 9.15
N GLU A 228 -20.93 -17.93 8.72
CA GLU A 228 -22.18 -17.18 8.64
C GLU A 228 -22.57 -16.94 7.17
N GLU A 229 -22.14 -17.84 6.30
CA GLU A 229 -22.47 -17.75 4.88
C GLU A 229 -23.96 -17.92 4.66
N LYS A 230 -24.52 -18.90 5.35
CA LYS A 230 -25.95 -19.20 5.26
C LYS A 230 -26.76 -17.96 5.62
N LYS A 231 -26.32 -17.27 6.67
CA LYS A 231 -26.97 -16.05 7.13
C LYS A 231 -26.89 -14.91 6.12
N VAL A 232 -25.71 -14.70 5.55
CA VAL A 232 -25.51 -13.59 4.63
C VAL A 232 -26.17 -13.79 3.26
N GLN A 233 -26.18 -15.00 2.70
CA GLN A 233 -26.76 -15.20 1.37
C GLN A 233 -28.25 -14.85 1.33
N LYS A 234 -28.99 -15.23 2.37
CA LYS A 234 -30.41 -14.92 2.43
C LYS A 234 -30.65 -13.64 3.22
N SER A 235 -29.59 -12.95 3.59
CA SER A 235 -29.70 -11.74 4.41
C SER A 235 -30.33 -10.62 3.60
N VAL A 236 -30.90 -9.66 4.33
CA VAL A 236 -31.65 -8.56 3.73
C VAL A 236 -30.78 -7.58 2.93
N LEU A 237 -29.56 -7.34 3.40
CA LEU A 237 -28.67 -6.37 2.77
C LEU A 237 -27.99 -6.94 1.51
N TRP A 238 -27.58 -8.20 1.59
CA TRP A 238 -26.80 -8.86 0.55
C TRP A 238 -27.57 -9.17 -0.73
N ARG A 239 -28.84 -9.55 -0.60
CA ARG A 239 -29.63 -9.88 -1.78
C ARG A 239 -29.94 -8.65 -2.63
N ALA A 240 -29.85 -7.47 -2.02
CA ALA A 240 -30.13 -6.22 -2.72
C ALA A 240 -28.89 -5.71 -3.46
N MET A 241 -27.77 -6.42 -3.30
CA MET A 241 -26.52 -6.04 -3.96
C MET A 241 -26.61 -6.28 -5.46
N PRO A 242 -26.08 -5.33 -6.26
CA PRO A 242 -26.14 -5.39 -7.72
C PRO A 242 -25.50 -6.65 -8.33
N PHE A 243 -24.30 -7.01 -7.88
CA PHE A 243 -23.62 -8.18 -8.44
C PHE A 243 -24.29 -9.49 -8.01
N VAL A 244 -25.08 -9.41 -6.94
CA VAL A 244 -25.80 -10.57 -6.44
C VAL A 244 -27.03 -10.85 -7.29
N GLN A 245 -27.81 -9.80 -7.55
CA GLN A 245 -29.01 -9.93 -8.37
C GLN A 245 -28.65 -10.26 -9.81
N ALA A 246 -27.48 -9.81 -10.25
CA ALA A 246 -27.02 -10.08 -11.61
C ALA A 246 -26.37 -11.46 -11.71
N GLY A 247 -26.19 -12.11 -10.56
CA GLY A 247 -25.66 -13.46 -10.53
C GLY A 247 -24.16 -13.51 -10.71
N ARG A 248 -23.50 -12.36 -10.53
CA ARG A 248 -22.05 -12.29 -10.69
C ARG A 248 -21.35 -12.38 -9.34
N VAL A 249 -21.58 -13.48 -8.64
CA VAL A 249 -20.97 -13.71 -7.34
C VAL A 249 -20.88 -15.22 -7.05
N ASN A 250 -19.75 -15.64 -6.51
CA ASN A 250 -19.53 -17.06 -6.20
C ASN A 250 -18.58 -17.23 -5.03
N SER A 251 -18.49 -18.46 -4.51
CA SER A 251 -17.62 -18.75 -3.38
C SER A 251 -16.38 -19.53 -3.81
N VAL A 252 -15.22 -19.00 -3.44
CA VAL A 252 -13.94 -19.63 -3.74
C VAL A 252 -13.63 -20.70 -2.69
N ARG A 253 -13.21 -21.88 -3.15
CA ARG A 253 -12.84 -22.95 -2.24
C ARG A 253 -11.70 -22.50 -1.34
N PRO A 254 -11.68 -23.01 -0.09
CA PRO A 254 -10.71 -22.56 0.92
C PRO A 254 -9.26 -22.56 0.45
N VAL A 255 -8.71 -21.36 0.27
CA VAL A 255 -7.29 -21.18 -0.03
C VAL A 255 -6.75 -20.03 0.81
N TRP A 256 -5.64 -20.27 1.50
CA TRP A 256 -5.10 -19.30 2.43
C TRP A 256 -4.52 -18.09 1.70
N SER A 257 -5.12 -16.92 1.96
CA SER A 257 -4.72 -15.70 1.28
C SER A 257 -3.45 -15.11 1.88
N TYR A 258 -2.97 -15.70 2.96
CA TYR A 258 -1.77 -15.21 3.63
C TYR A 258 -0.74 -16.33 3.75
N GLY A 259 -0.59 -17.09 2.66
CA GLY A 259 0.27 -18.26 2.67
C GLY A 259 1.63 -18.07 2.02
N GLY A 260 2.11 -19.11 1.37
CA GLY A 260 3.43 -19.11 0.77
C GLY A 260 3.41 -18.93 -0.73
N ALA A 261 4.40 -19.51 -1.41
CA ALA A 261 4.54 -19.38 -2.86
C ALA A 261 3.46 -20.16 -3.61
N MET A 262 3.25 -21.41 -3.20
CA MET A 262 2.29 -22.27 -3.87
C MET A 262 0.86 -21.84 -3.58
N SER A 263 0.69 -20.97 -2.58
CA SER A 263 -0.60 -20.35 -2.30
C SER A 263 -1.07 -19.59 -3.53
N LEU A 264 -0.12 -18.98 -4.24
CA LEU A 264 -0.43 -18.23 -5.45
C LEU A 264 -1.04 -19.15 -6.51
N ARG A 265 -0.53 -20.37 -6.60
CA ARG A 265 -1.07 -21.36 -7.53
C ARG A 265 -2.45 -21.84 -7.12
N TYR A 266 -2.55 -22.31 -5.88
CA TYR A 266 -3.80 -22.86 -5.35
C TYR A 266 -4.94 -21.85 -5.39
N SER A 267 -4.63 -20.60 -5.09
CA SER A 267 -5.64 -19.54 -5.09
C SER A 267 -5.99 -19.13 -6.52
N ALA A 268 -5.05 -19.31 -7.44
CA ALA A 268 -5.31 -19.02 -8.84
C ALA A 268 -6.26 -20.06 -9.42
N GLU A 269 -6.00 -21.31 -9.09
CA GLU A 269 -6.85 -22.41 -9.53
C GLU A 269 -8.20 -22.37 -8.84
N ALA A 270 -8.22 -21.84 -7.63
CA ALA A 270 -9.45 -21.75 -6.85
C ALA A 270 -10.35 -20.64 -7.35
N ILE A 271 -9.75 -19.49 -7.63
CA ILE A 271 -10.49 -18.34 -8.16
C ILE A 271 -11.04 -18.64 -9.55
N THR A 272 -10.16 -19.11 -10.43
CA THR A 272 -10.54 -19.45 -11.80
C THR A 272 -11.69 -20.45 -11.85
N GLU A 273 -11.55 -21.53 -11.08
CA GLU A 273 -12.57 -22.58 -11.06
C GLU A 273 -13.90 -22.05 -10.52
N SER A 274 -13.82 -21.15 -9.55
CA SER A 274 -15.02 -20.57 -8.95
C SER A 274 -15.56 -19.43 -9.80
N LEU A 275 -14.77 -18.97 -10.76
CA LEU A 275 -15.15 -17.86 -11.62
C LEU A 275 -15.53 -18.37 -13.01
N LEU A 276 -15.13 -19.61 -13.31
CA LEU A 276 -15.56 -20.26 -14.54
C LEU A 276 -17.05 -20.56 -14.46
N ALA A 277 -17.51 -20.90 -13.26
CA ALA A 277 -18.94 -20.91 -12.97
C ALA A 277 -19.47 -19.48 -13.00
N VAL A 278 -20.79 -19.33 -12.96
CA VAL A 278 -21.49 -18.04 -13.06
C VAL A 278 -21.03 -17.16 -14.24
N ALA A 279 -20.37 -17.78 -15.21
CA ALA A 279 -19.98 -17.10 -16.43
C ALA A 279 -21.09 -17.22 -17.48
N PRO A 280 -21.20 -16.22 -18.38
CA PRO A 280 -22.21 -16.24 -19.44
C PRO A 280 -22.15 -17.50 -20.30
N SER B 15 11.08 -4.35 -14.11
CA SER B 15 11.38 -4.27 -15.54
C SER B 15 10.12 -4.45 -16.39
N HIS B 16 9.28 -5.40 -15.98
CA HIS B 16 8.01 -5.66 -16.66
C HIS B 16 6.89 -4.87 -16.01
N MET B 17 6.67 -3.64 -16.50
CA MET B 17 5.66 -2.75 -15.97
C MET B 17 4.29 -2.94 -16.62
N ARG B 18 3.26 -2.38 -15.98
CA ARG B 18 1.90 -2.41 -16.50
C ARG B 18 1.58 -1.14 -17.25
N VAL B 19 1.68 -1.20 -18.58
CA VAL B 19 1.54 -0.02 -19.41
C VAL B 19 0.14 0.13 -19.99
N VAL B 20 -0.38 1.35 -19.98
CA VAL B 20 -1.63 1.68 -20.66
C VAL B 20 -1.40 2.82 -21.65
N VAL B 21 -1.59 2.53 -22.93
CA VAL B 21 -1.46 3.54 -23.97
C VAL B 21 -2.83 4.11 -24.33
N LEU B 22 -2.87 5.36 -24.75
CA LEU B 22 -4.13 6.02 -25.05
C LEU B 22 -4.22 6.53 -26.49
N ASN B 23 -3.17 6.28 -27.26
CA ASN B 23 -3.14 6.69 -28.65
C ASN B 23 -2.55 5.59 -29.53
N TRP B 24 -2.98 5.55 -30.79
CA TRP B 24 -2.60 4.46 -31.69
C TRP B 24 -1.11 4.48 -32.02
N ASP B 25 -0.52 5.67 -32.09
CA ASP B 25 0.90 5.78 -32.37
C ASP B 25 1.72 5.20 -31.21
N LEU B 26 1.36 5.57 -29.98
CA LEU B 26 2.04 5.06 -28.80
C LEU B 26 1.82 3.56 -28.64
N LEU B 27 0.64 3.08 -29.04
CA LEU B 27 0.33 1.66 -29.01
C LEU B 27 1.28 0.88 -29.92
N GLU B 28 1.51 1.42 -31.10
CA GLU B 28 2.45 0.81 -32.04
C GLU B 28 3.88 0.83 -31.51
N GLN B 29 4.32 2.00 -31.05
CA GLN B 29 5.68 2.19 -30.54
C GLN B 29 5.99 1.16 -29.46
N VAL B 30 5.06 1.00 -28.54
CA VAL B 30 5.23 0.11 -27.41
C VAL B 30 5.26 -1.36 -27.85
N LEU B 31 4.39 -1.70 -28.80
CA LEU B 31 4.32 -3.07 -29.30
C LEU B 31 5.57 -3.45 -30.08
N GLU B 32 6.12 -2.50 -30.84
CA GLU B 32 7.30 -2.75 -31.65
C GLU B 32 8.51 -2.96 -30.77
N LEU B 33 8.47 -2.41 -29.56
CA LEU B 33 9.57 -2.53 -28.62
C LEU B 33 9.51 -3.84 -27.83
N GLY B 34 8.49 -4.65 -28.11
CA GLY B 34 8.32 -5.92 -27.42
C GLY B 34 7.55 -5.74 -26.13
N ILE B 35 7.02 -4.55 -25.92
CA ILE B 35 6.22 -4.25 -24.74
C ILE B 35 4.74 -4.49 -25.04
N GLN B 36 4.04 -5.16 -24.13
CA GLN B 36 2.64 -5.49 -24.33
C GLN B 36 1.76 -4.75 -23.32
N PRO B 37 1.03 -3.72 -23.78
CA PRO B 37 0.19 -2.95 -22.87
C PRO B 37 -0.93 -3.78 -22.27
N VAL B 38 -1.53 -3.30 -21.18
CA VAL B 38 -2.65 -3.98 -20.57
C VAL B 38 -3.95 -3.31 -21.02
N GLY B 39 -3.83 -2.08 -21.52
CA GLY B 39 -4.96 -1.32 -22.02
C GLY B 39 -4.59 -0.52 -23.26
N ALA B 40 -5.52 -0.42 -24.20
CA ALA B 40 -5.30 0.34 -25.43
C ALA B 40 -6.64 0.76 -26.02
N PRO B 41 -6.66 1.92 -26.71
CA PRO B 41 -7.90 2.50 -27.22
C PRO B 41 -8.31 1.97 -28.60
N GLU B 42 -9.63 1.88 -28.82
CA GLU B 42 -10.20 1.52 -30.12
C GLU B 42 -9.54 0.31 -30.78
N LEU B 43 -9.56 -0.82 -30.09
CA LEU B 43 -8.91 -2.02 -30.60
C LEU B 43 -9.62 -2.61 -31.81
N SER B 44 -10.94 -2.42 -31.88
CA SER B 44 -11.71 -2.93 -33.00
C SER B 44 -11.41 -2.17 -34.29
N SER B 45 -11.32 -0.85 -34.16
CA SER B 45 -11.02 0.02 -35.30
C SER B 45 -9.54 -0.04 -35.65
N TYR B 46 -8.72 -0.41 -34.69
CA TYR B 46 -7.27 -0.46 -34.86
C TYR B 46 -6.88 -1.47 -35.94
N VAL B 47 -7.55 -2.62 -35.93
CA VAL B 47 -7.25 -3.70 -36.87
C VAL B 47 -7.80 -3.37 -38.26
N GLN B 48 -8.38 -2.18 -38.38
CA GLN B 48 -8.94 -1.73 -39.64
C GLN B 48 -8.10 -0.62 -40.25
N TRP B 49 -7.51 0.22 -39.39
CA TRP B 49 -6.78 1.39 -39.85
C TRP B 49 -5.27 1.27 -39.72
N VAL B 50 -4.79 0.74 -38.60
CA VAL B 50 -3.36 0.59 -38.37
C VAL B 50 -2.88 -0.80 -38.79
N VAL B 51 -3.59 -1.81 -38.31
CA VAL B 51 -3.49 -3.21 -38.72
C VAL B 51 -2.09 -3.86 -38.57
N GLN B 52 -1.02 -3.24 -39.08
CA GLN B 52 0.27 -3.93 -39.18
C GLN B 52 0.85 -4.36 -37.83
N PRO B 53 1.07 -3.43 -36.88
CA PRO B 53 1.55 -3.99 -35.61
C PRO B 53 0.38 -4.56 -34.79
N GLU B 54 0.14 -5.85 -34.99
CA GLU B 54 -1.02 -6.55 -34.42
C GLU B 54 -1.12 -6.50 -32.90
N VAL B 55 -2.25 -6.00 -32.41
CA VAL B 55 -2.51 -5.96 -30.97
C VAL B 55 -2.85 -7.35 -30.47
N PRO B 56 -2.13 -7.82 -29.43
CA PRO B 56 -2.34 -9.15 -28.85
C PRO B 56 -3.76 -9.34 -28.33
N SER B 57 -4.15 -10.58 -28.10
CA SER B 57 -5.50 -10.90 -27.64
C SER B 57 -5.71 -10.47 -26.19
N SER B 58 -4.61 -10.37 -25.44
CA SER B 58 -4.69 -10.08 -24.01
C SER B 58 -5.08 -8.65 -23.73
N VAL B 59 -4.60 -7.73 -24.57
CA VAL B 59 -4.84 -6.29 -24.38
C VAL B 59 -6.32 -5.96 -24.41
N GLN B 60 -6.80 -5.24 -23.40
CA GLN B 60 -8.20 -4.88 -23.31
C GLN B 60 -8.47 -3.46 -23.81
N ASP B 61 -9.67 -3.26 -24.36
CA ASP B 61 -10.07 -1.96 -24.89
C ASP B 61 -10.50 -1.01 -23.76
N ILE B 62 -9.71 0.03 -23.53
CA ILE B 62 -9.99 0.97 -22.45
C ILE B 62 -10.82 2.15 -22.93
N GLY B 63 -11.51 1.96 -24.04
CA GLY B 63 -12.37 2.98 -24.61
C GLY B 63 -11.80 3.50 -25.91
N THR B 64 -12.13 4.75 -26.23
CA THR B 64 -11.63 5.38 -27.45
C THR B 64 -10.50 6.35 -27.14
N ARG B 65 -9.91 6.91 -28.19
CA ARG B 65 -8.94 7.96 -28.04
C ARG B 65 -9.72 9.22 -27.69
N THR B 66 -9.03 10.25 -27.20
CA THR B 66 -9.65 11.51 -26.78
C THR B 66 -10.60 11.32 -25.58
N GLU B 67 -11.36 10.23 -25.58
CA GLU B 67 -12.30 9.96 -24.48
C GLU B 67 -12.13 8.54 -23.94
N PRO B 68 -11.04 8.30 -23.20
CA PRO B 68 -10.75 7.00 -22.58
C PRO B 68 -11.68 6.68 -21.42
N ASN B 69 -11.84 5.40 -21.11
CA ASN B 69 -12.65 5.01 -19.97
C ASN B 69 -11.79 4.99 -18.72
N LEU B 70 -11.95 6.01 -17.88
CA LEU B 70 -11.14 6.16 -16.68
C LEU B 70 -11.39 5.03 -15.68
N GLU B 71 -12.62 4.55 -15.64
CA GLU B 71 -12.98 3.45 -14.75
C GLU B 71 -12.20 2.20 -15.09
N LYS B 72 -12.03 1.93 -16.38
CA LYS B 72 -11.33 0.73 -16.83
C LYS B 72 -9.82 0.87 -16.68
N ILE B 73 -9.30 2.05 -17.00
CA ILE B 73 -7.85 2.27 -16.92
C ILE B 73 -7.39 2.14 -15.47
N ALA B 74 -8.19 2.62 -14.54
CA ALA B 74 -7.84 2.52 -13.12
C ALA B 74 -8.00 1.08 -12.62
N ALA B 75 -8.89 0.33 -13.26
CA ALA B 75 -9.16 -1.05 -12.88
C ALA B 75 -8.05 -1.99 -13.32
N LEU B 76 -7.26 -1.56 -14.30
CA LEU B 76 -6.16 -2.35 -14.83
C LEU B 76 -4.90 -2.20 -13.98
N LYS B 77 -4.95 -1.27 -13.02
CA LYS B 77 -3.83 -0.95 -12.14
C LYS B 77 -2.55 -0.72 -12.94
N PRO B 78 -2.50 0.37 -13.72
CA PRO B 78 -1.32 0.64 -14.54
C PRO B 78 -0.19 1.24 -13.72
N ASP B 79 1.05 1.02 -14.16
CA ASP B 79 2.20 1.63 -13.53
C ASP B 79 2.56 2.91 -14.29
N VAL B 80 2.12 2.97 -15.54
CA VAL B 80 2.32 4.14 -16.38
C VAL B 80 1.16 4.30 -17.37
N ILE B 81 0.84 5.55 -17.68
CA ILE B 81 -0.15 5.84 -18.70
C ILE B 81 0.50 6.66 -19.79
N LEU B 82 0.52 6.13 -21.01
CA LEU B 82 1.15 6.81 -22.13
C LEU B 82 0.11 7.61 -22.91
N ALA B 83 0.18 8.93 -22.81
CA ALA B 83 -0.75 9.79 -23.52
C ALA B 83 -0.03 10.63 -24.56
N ALA B 84 -0.73 10.94 -25.65
CA ALA B 84 -0.17 11.74 -26.72
C ALA B 84 -0.93 13.06 -26.84
N GLY B 85 -0.80 13.71 -28.00
CA GLY B 85 -1.46 14.96 -28.28
C GLY B 85 -2.92 15.09 -27.90
N PRO B 86 -3.79 14.25 -28.49
CA PRO B 86 -5.24 14.34 -28.26
C PRO B 86 -5.69 14.05 -26.82
N GLN B 87 -4.78 13.63 -25.95
CA GLN B 87 -5.13 13.36 -24.56
C GLN B 87 -4.46 14.35 -23.60
N GLN B 88 -4.04 15.50 -24.13
CA GLN B 88 -3.27 16.46 -23.35
C GLN B 88 -4.10 17.14 -22.27
N ASP B 89 -5.41 17.22 -22.49
CA ASP B 89 -6.31 17.86 -21.52
C ASP B 89 -6.73 16.90 -20.41
N LEU B 90 -6.23 15.67 -20.47
CA LEU B 90 -6.58 14.65 -19.50
C LEU B 90 -5.41 14.26 -18.60
N LEU B 91 -4.25 14.85 -18.89
CA LEU B 91 -3.02 14.52 -18.17
C LEU B 91 -3.15 14.66 -16.66
N ALA B 92 -3.81 15.73 -16.23
CA ALA B 92 -4.00 15.98 -14.80
C ALA B 92 -4.84 14.89 -14.16
N THR B 93 -5.89 14.47 -14.85
CA THR B 93 -6.78 13.43 -14.33
C THR B 93 -6.11 12.06 -14.36
N LEU B 94 -5.35 11.81 -15.42
CA LEU B 94 -4.69 10.52 -15.59
C LEU B 94 -3.58 10.31 -14.58
N GLY B 95 -2.94 11.40 -14.17
CA GLY B 95 -1.87 11.33 -13.19
C GLY B 95 -2.38 10.90 -11.83
N ARG B 96 -3.67 11.14 -11.61
CA ARG B 96 -4.32 10.78 -10.36
C ARG B 96 -4.55 9.26 -10.33
N ILE B 97 -4.47 8.65 -11.50
CA ILE B 97 -4.63 7.20 -11.64
C ILE B 97 -3.27 6.53 -11.56
N ALA B 98 -2.32 7.04 -12.34
CA ALA B 98 -0.97 6.49 -12.40
C ALA B 98 -0.05 7.53 -13.03
N PRO B 99 1.26 7.42 -12.78
CA PRO B 99 2.22 8.30 -13.45
C PRO B 99 2.03 8.34 -14.97
N VAL B 100 2.08 9.52 -15.56
CA VAL B 100 1.80 9.68 -16.98
C VAL B 100 3.05 10.11 -17.75
N VAL B 101 3.32 9.44 -18.86
CA VAL B 101 4.39 9.85 -19.76
C VAL B 101 3.77 10.45 -21.01
N TYR B 102 3.90 11.76 -21.15
CA TYR B 102 3.25 12.49 -22.23
C TYR B 102 4.19 12.68 -23.42
N LEU B 103 3.90 12.00 -24.52
CA LEU B 103 4.72 12.10 -25.72
C LEU B 103 3.89 12.63 -26.88
N PRO B 104 3.82 13.96 -27.02
CA PRO B 104 3.01 14.61 -28.07
C PRO B 104 3.71 14.60 -29.42
N ASN B 105 2.94 14.80 -30.48
CA ASN B 105 3.46 14.78 -31.83
C ASN B 105 2.42 15.33 -32.80
N PHE B 106 2.84 15.55 -34.05
CA PHE B 106 1.98 16.01 -35.12
C PHE B 106 1.43 17.41 -34.88
N SER B 107 2.30 18.31 -34.43
CA SER B 107 1.97 19.72 -34.38
C SER B 107 2.42 20.37 -35.67
N GLU B 108 2.16 21.65 -35.82
CA GLU B 108 2.59 22.37 -37.02
C GLU B 108 4.12 22.52 -36.98
N GLN B 109 4.70 22.35 -35.80
CA GLN B 109 6.13 22.54 -35.61
C GLN B 109 6.87 21.22 -35.64
N ASP B 110 6.17 20.13 -35.34
CA ASP B 110 6.77 18.81 -35.33
C ASP B 110 6.93 18.26 -36.74
N ASN B 111 8.10 17.69 -37.02
CA ASN B 111 8.31 17.01 -38.29
C ASN B 111 7.81 15.57 -38.25
N ALA B 112 6.83 15.32 -37.39
CA ALA B 112 6.17 14.02 -37.23
C ALA B 112 7.11 12.81 -37.24
N ALA B 113 7.76 12.57 -38.37
CA ALA B 113 8.58 11.38 -38.55
C ALA B 113 9.79 11.35 -37.62
N GLN B 114 10.59 12.43 -37.62
CA GLN B 114 11.72 12.55 -36.72
C GLN B 114 11.25 12.38 -35.28
N VAL B 115 10.16 13.08 -34.95
CA VAL B 115 9.60 13.04 -33.61
C VAL B 115 9.11 11.64 -33.26
N ALA B 116 8.54 10.94 -34.24
CA ALA B 116 8.07 9.59 -34.03
C ALA B 116 9.22 8.63 -33.72
N ILE B 117 10.38 8.91 -34.30
CA ILE B 117 11.56 8.09 -34.05
C ILE B 117 12.19 8.44 -32.71
N SER B 118 12.26 9.72 -32.40
CA SER B 118 12.83 10.18 -31.14
C SER B 118 11.98 9.71 -29.95
N HIS B 119 10.68 9.61 -30.16
CA HIS B 119 9.77 9.07 -29.15
C HIS B 119 9.96 7.57 -29.02
N PHE B 120 10.22 6.93 -30.16
CA PHE B 120 10.49 5.50 -30.20
C PHE B 120 11.75 5.19 -29.41
N LYS B 121 12.73 6.09 -29.47
CA LYS B 121 13.98 5.94 -28.74
C LYS B 121 13.80 6.18 -27.24
N THR B 122 13.08 7.24 -26.89
CA THR B 122 12.86 7.57 -25.48
C THR B 122 12.05 6.48 -24.79
N LEU B 123 11.01 5.99 -25.47
CA LEU B 123 10.21 4.90 -24.94
C LEU B 123 11.07 3.65 -24.78
N ALA B 124 12.00 3.46 -25.70
CA ALA B 124 12.92 2.33 -25.65
C ALA B 124 13.81 2.43 -24.43
N THR B 125 14.36 3.62 -24.21
CA THR B 125 15.25 3.85 -23.09
C THR B 125 14.52 3.70 -21.76
N LEU B 126 13.28 4.19 -21.71
CA LEU B 126 12.48 4.12 -20.50
C LEU B 126 12.08 2.70 -20.12
N PHE B 127 11.85 1.85 -21.12
CA PHE B 127 11.38 0.49 -20.86
C PHE B 127 12.48 -0.56 -20.99
N GLY B 128 13.71 -0.11 -21.19
CA GLY B 128 14.85 -1.01 -21.22
C GLY B 128 14.99 -1.82 -22.49
N LYS B 129 13.98 -1.76 -23.35
CA LYS B 129 14.02 -2.45 -24.64
C LYS B 129 14.73 -1.57 -25.68
N GLU B 130 15.90 -1.06 -25.29
CA GLU B 130 16.65 -0.10 -26.10
C GLU B 130 17.36 -0.76 -27.29
N ALA B 131 17.83 -1.99 -27.08
CA ALA B 131 18.56 -2.72 -28.11
C ALA B 131 17.66 -3.05 -29.30
N VAL B 132 16.44 -3.50 -29.00
CA VAL B 132 15.48 -3.88 -30.04
C VAL B 132 15.15 -2.68 -30.91
N ALA B 133 15.13 -1.50 -30.31
CA ALA B 133 14.81 -0.27 -31.02
C ALA B 133 15.85 0.07 -32.10
N GLN B 134 17.12 0.00 -31.74
CA GLN B 134 18.20 0.33 -32.67
C GLN B 134 18.23 -0.67 -33.81
N GLN B 135 17.99 -1.94 -33.49
CA GLN B 135 17.96 -3.00 -34.50
C GLN B 135 16.83 -2.76 -35.51
N LYS B 136 15.66 -2.39 -35.02
CA LYS B 136 14.51 -2.16 -35.88
C LYS B 136 14.67 -0.88 -36.71
N LEU B 137 15.17 0.17 -36.08
CA LEU B 137 15.37 1.44 -36.76
C LEU B 137 16.43 1.32 -37.86
N GLU B 138 17.52 0.64 -37.54
CA GLU B 138 18.59 0.42 -38.50
C GLU B 138 18.12 -0.47 -39.65
N ALA B 139 17.22 -1.40 -39.33
CA ALA B 139 16.63 -2.27 -40.34
C ALA B 139 15.66 -1.48 -41.22
N MET B 140 15.05 -0.46 -40.63
CA MET B 140 14.11 0.39 -41.36
C MET B 140 14.81 1.26 -42.39
N TYR B 141 15.91 1.89 -42.00
CA TYR B 141 16.69 2.73 -42.90
C TYR B 141 17.25 1.90 -44.05
N ALA B 142 17.68 0.67 -43.75
CA ALA B 142 18.19 -0.24 -44.75
C ALA B 142 17.08 -0.66 -45.71
N ARG B 143 15.88 -0.85 -45.17
CA ARG B 143 14.73 -1.24 -45.98
C ARG B 143 14.36 -0.13 -46.95
N PHE B 144 14.55 1.12 -46.54
CA PHE B 144 14.30 2.27 -47.40
C PHE B 144 15.08 2.17 -48.70
N SER B 145 16.38 1.93 -48.59
CA SER B 145 17.25 1.83 -49.76
C SER B 145 16.90 0.62 -50.62
N GLU B 146 16.41 -0.44 -49.98
CA GLU B 146 15.98 -1.63 -50.70
C GLU B 146 14.80 -1.31 -51.60
N LEU B 147 13.80 -0.63 -51.04
CA LEU B 147 12.62 -0.23 -51.77
C LEU B 147 12.94 0.78 -52.86
N LYS B 148 13.84 1.71 -52.55
CA LYS B 148 14.31 2.70 -53.51
C LYS B 148 14.92 2.02 -54.74
N ALA B 149 15.74 1.00 -54.50
CA ALA B 149 16.39 0.25 -55.57
C ALA B 149 15.38 -0.48 -56.45
N SER B 150 14.41 -1.13 -55.82
CA SER B 150 13.37 -1.84 -56.55
C SER B 150 12.45 -0.84 -57.25
N LEU B 151 12.46 0.39 -56.75
CA LEU B 151 11.67 1.46 -57.33
C LEU B 151 12.40 2.08 -58.52
N GLN B 152 13.72 2.17 -58.40
CA GLN B 152 14.53 2.70 -59.50
C GLN B 152 14.65 1.69 -60.64
N HIS B 153 14.56 0.41 -60.29
CA HIS B 153 14.50 -0.65 -61.30
C HIS B 153 13.04 -0.93 -61.64
N ALA B 154 12.47 -0.10 -62.51
CA ALA B 154 11.05 -0.05 -62.87
C ALA B 154 10.62 1.37 -63.23
N PHE B 155 11.38 2.36 -62.76
CA PHE B 155 11.07 3.76 -63.09
C PHE B 155 12.23 4.50 -63.76
N GLY B 156 13.20 3.75 -64.27
CA GLY B 156 14.35 4.33 -64.95
C GLY B 156 15.28 5.21 -64.12
N ASP B 157 15.50 4.81 -62.88
CA ASP B 157 16.45 5.46 -61.97
C ASP B 157 16.16 6.94 -61.68
N THR B 158 15.21 7.53 -62.40
CA THR B 158 14.72 8.87 -62.10
C THR B 158 13.31 8.72 -61.57
N LEU B 159 13.19 8.56 -60.25
CA LEU B 159 11.89 8.33 -59.62
C LEU B 159 10.90 9.47 -59.81
N PRO B 160 9.61 9.12 -60.04
CA PRO B 160 8.53 10.06 -60.35
C PRO B 160 8.06 10.88 -59.15
N ALA B 161 7.16 11.82 -59.41
CA ALA B 161 6.57 12.64 -58.35
C ALA B 161 5.22 12.07 -57.94
N VAL B 162 5.02 11.92 -56.62
CA VAL B 162 3.84 11.24 -56.09
C VAL B 162 3.01 12.10 -55.14
N VAL B 163 1.69 12.01 -55.24
CA VAL B 163 0.79 12.66 -54.30
C VAL B 163 0.18 11.62 -53.35
N THR B 164 0.40 11.82 -52.05
CA THR B 164 -0.19 10.93 -51.05
C THR B 164 -1.33 11.63 -50.31
N LEU B 165 -2.48 10.98 -50.25
CA LEU B 165 -3.66 11.57 -49.64
C LEU B 165 -4.59 10.53 -49.03
N ARG B 166 -5.55 11.00 -48.25
CA ARG B 166 -6.64 10.17 -47.78
C ARG B 166 -7.98 10.87 -48.06
N PHE B 167 -8.96 10.11 -48.52
CA PHE B 167 -10.27 10.70 -48.82
C PHE B 167 -11.03 11.07 -47.54
N ALA B 168 -11.55 12.29 -47.50
CA ALA B 168 -12.42 12.70 -46.41
C ALA B 168 -13.86 12.33 -46.75
N ASN B 169 -14.32 12.84 -47.89
CA ASN B 169 -15.61 12.47 -48.46
C ASN B 169 -15.44 12.43 -49.98
N PRO B 170 -16.44 11.93 -50.73
CA PRO B 170 -16.33 11.91 -52.19
C PRO B 170 -16.05 13.27 -52.86
N THR B 171 -16.04 14.37 -52.12
CA THR B 171 -15.81 15.67 -52.72
C THR B 171 -14.61 16.40 -52.11
N SER B 172 -14.10 15.90 -50.99
CA SER B 172 -12.94 16.50 -50.33
C SER B 172 -11.83 15.48 -50.10
N VAL B 173 -10.60 15.95 -50.03
CA VAL B 173 -9.44 15.09 -49.91
C VAL B 173 -8.45 15.63 -48.89
N PHE B 174 -7.86 14.74 -48.09
CA PHE B 174 -6.82 15.13 -47.14
C PHE B 174 -5.43 14.99 -47.74
N LEU B 175 -4.89 16.07 -48.29
CA LEU B 175 -3.52 16.06 -48.80
C LEU B 175 -2.53 16.14 -47.64
N TYR B 176 -1.43 15.40 -47.75
CA TYR B 176 -0.44 15.38 -46.68
C TYR B 176 0.66 16.42 -46.90
N THR B 177 0.97 17.16 -45.84
CA THR B 177 1.89 18.30 -45.94
C THR B 177 3.35 17.90 -45.82
N GLU B 178 4.22 18.92 -45.82
CA GLU B 178 5.66 18.71 -45.80
C GLU B 178 6.15 18.13 -44.49
N ASN B 179 5.36 18.28 -43.44
CA ASN B 179 5.75 17.81 -42.12
C ASN B 179 5.07 16.50 -41.74
N SER B 180 4.33 15.91 -42.68
CA SER B 180 3.62 14.66 -42.43
C SER B 180 4.55 13.46 -42.54
N THR B 181 4.10 12.31 -42.04
CA THR B 181 4.89 11.08 -42.12
C THR B 181 4.91 10.42 -43.52
N PRO B 182 3.82 10.49 -44.30
CA PRO B 182 3.99 9.94 -45.66
C PRO B 182 4.95 10.77 -46.51
N GLN B 183 5.01 12.07 -46.26
CA GLN B 183 5.93 12.94 -46.97
C GLN B 183 7.37 12.51 -46.72
N TYR B 184 7.65 12.18 -45.46
CA TYR B 184 8.97 11.66 -45.07
C TYR B 184 9.28 10.37 -45.82
N VAL B 185 8.27 9.52 -45.94
CA VAL B 185 8.41 8.24 -46.64
C VAL B 185 8.78 8.46 -48.11
N LEU B 186 8.07 9.38 -48.77
CA LEU B 186 8.35 9.72 -50.16
C LEU B 186 9.79 10.18 -50.35
N GLU B 187 10.28 10.96 -49.40
CA GLU B 187 11.64 11.49 -49.48
C GLU B 187 12.69 10.41 -49.25
N GLN B 188 12.39 9.46 -48.37
CA GLN B 188 13.32 8.37 -48.08
C GLN B 188 13.39 7.37 -49.22
N LEU B 189 12.33 7.33 -50.03
CA LEU B 189 12.28 6.44 -51.17
C LEU B 189 12.86 7.11 -52.41
N GLY B 190 13.16 8.40 -52.29
CA GLY B 190 13.69 9.17 -53.40
C GLY B 190 12.63 9.69 -54.34
N LEU B 191 11.36 9.59 -53.93
CA LEU B 191 10.25 10.08 -54.73
C LEU B 191 10.06 11.58 -54.55
N SER B 192 9.60 12.24 -55.61
CA SER B 192 9.35 13.68 -55.55
C SER B 192 7.94 14.00 -55.06
N SER B 193 7.74 15.23 -54.61
CA SER B 193 6.45 15.68 -54.11
C SER B 193 5.64 16.35 -55.22
N ALA B 194 4.73 15.60 -55.83
CA ALA B 194 3.97 16.09 -56.98
C ALA B 194 3.01 17.23 -56.62
N LEU B 195 2.73 17.39 -55.32
CA LEU B 195 1.85 18.47 -54.87
C LEU B 195 2.10 18.81 -53.40
N PRO B 196 3.23 19.47 -53.11
CA PRO B 196 3.63 19.81 -51.74
C PRO B 196 2.68 20.79 -51.07
N GLN B 197 2.60 20.73 -49.74
CA GLN B 197 1.77 21.64 -48.97
C GLN B 197 2.53 22.15 -47.74
N PRO B 198 2.32 23.42 -47.37
CA PRO B 198 2.96 23.97 -46.17
C PRO B 198 2.58 23.22 -44.91
N PRO B 199 3.48 23.15 -43.93
CA PRO B 199 3.29 22.37 -42.70
C PRO B 199 1.99 22.73 -41.97
N LYS B 200 1.27 21.71 -41.53
CA LYS B 200 0.00 21.91 -40.83
C LYS B 200 -0.15 20.88 -39.71
N GLU B 201 -1.18 21.04 -38.89
CA GLU B 201 -1.44 20.11 -37.80
C GLU B 201 -1.83 18.75 -38.38
N TRP B 202 -1.32 17.69 -37.75
CA TRP B 202 -1.51 16.31 -38.21
C TRP B 202 -0.89 16.07 -39.60
N GLY B 203 -0.21 17.06 -40.14
CA GLY B 203 0.47 16.90 -41.42
C GLY B 203 -0.47 16.88 -42.60
N ILE B 204 -1.68 17.40 -42.43
CA ILE B 204 -2.69 17.33 -43.47
C ILE B 204 -3.26 18.68 -43.89
N VAL B 205 -3.82 18.73 -45.09
CA VAL B 205 -4.63 19.85 -45.55
C VAL B 205 -5.89 19.31 -46.23
N GLN B 206 -7.05 19.84 -45.85
CA GLN B 206 -8.29 19.41 -46.48
C GLN B 206 -8.62 20.29 -47.68
N LYS B 207 -8.42 19.75 -48.87
CA LYS B 207 -8.75 20.45 -50.11
C LYS B 207 -9.93 19.77 -50.77
N ARG B 208 -10.61 20.50 -51.66
CA ARG B 208 -11.70 19.92 -52.43
C ARG B 208 -11.10 18.97 -53.47
N LEU B 209 -11.84 17.91 -53.80
CA LEU B 209 -11.36 16.93 -54.76
C LEU B 209 -11.08 17.55 -56.13
N SER B 210 -11.79 18.64 -56.42
CA SER B 210 -11.64 19.33 -57.70
C SER B 210 -10.25 19.95 -57.87
N GLU B 211 -9.52 20.09 -56.78
CA GLU B 211 -8.17 20.66 -56.82
C GLU B 211 -7.13 19.67 -57.34
N LEU B 212 -7.47 18.38 -57.37
CA LEU B 212 -6.55 17.36 -57.86
C LEU B 212 -6.60 17.28 -59.38
N GLN B 213 -7.29 18.25 -59.98
CA GLN B 213 -7.37 18.36 -61.43
C GLN B 213 -6.05 18.88 -61.99
N HIS B 214 -5.24 19.48 -61.13
CA HIS B 214 -4.02 20.14 -61.56
C HIS B 214 -2.77 19.27 -61.38
N VAL B 215 -2.90 18.14 -60.70
CA VAL B 215 -1.81 17.18 -60.65
C VAL B 215 -1.90 16.29 -61.91
N GLU B 216 -1.42 16.82 -63.02
CA GLU B 216 -1.53 16.13 -64.30
C GLU B 216 -0.41 15.12 -64.51
N GLN B 217 0.82 15.60 -64.57
CA GLN B 217 1.96 14.75 -64.85
C GLN B 217 2.60 14.14 -63.60
N GLY B 218 1.82 13.41 -62.81
CA GLY B 218 2.36 12.75 -61.63
C GLY B 218 1.57 11.52 -61.19
N TYR B 219 1.84 11.07 -59.98
CA TYR B 219 1.15 9.90 -59.43
C TYR B 219 0.34 10.26 -58.19
N VAL B 220 -0.83 9.65 -58.05
CA VAL B 220 -1.68 9.89 -56.89
C VAL B 220 -1.99 8.59 -56.14
N LEU B 221 -1.62 8.55 -54.87
CA LEU B 221 -1.87 7.39 -54.02
C LEU B 221 -2.79 7.76 -52.86
N TYR B 222 -3.76 6.90 -52.57
CA TYR B 222 -4.65 7.15 -51.44
C TYR B 222 -4.67 5.97 -50.47
N PHE B 223 -4.59 6.28 -49.19
CA PHE B 223 -4.53 5.24 -48.16
C PHE B 223 -5.89 4.62 -47.88
N LEU B 224 -5.88 3.34 -47.55
CA LEU B 224 -7.09 2.61 -47.20
C LEU B 224 -7.22 2.55 -45.68
N PRO B 225 -8.44 2.30 -45.16
CA PRO B 225 -9.72 2.07 -45.86
C PRO B 225 -10.47 3.35 -46.21
N PHE B 226 -11.40 3.23 -47.14
CA PHE B 226 -12.35 4.29 -47.45
C PHE B 226 -13.68 3.66 -47.85
N ALA B 227 -14.70 3.85 -47.02
CA ALA B 227 -15.96 3.13 -47.17
C ALA B 227 -16.69 3.44 -48.48
N GLU B 228 -16.38 4.58 -49.08
CA GLU B 228 -17.05 5.02 -50.30
C GLU B 228 -16.10 5.03 -51.50
N GLU B 229 -15.17 4.09 -51.53
CA GLU B 229 -14.20 4.00 -52.62
C GLU B 229 -14.87 3.74 -53.98
N LYS B 230 -15.79 2.78 -54.02
CA LYS B 230 -16.52 2.48 -55.25
C LYS B 230 -17.30 3.68 -55.75
N LYS B 231 -17.89 4.43 -54.83
CA LYS B 231 -18.66 5.62 -55.18
C LYS B 231 -17.78 6.64 -55.90
N VAL B 232 -16.58 6.85 -55.37
CA VAL B 232 -15.64 7.80 -55.95
C VAL B 232 -15.06 7.27 -57.25
N GLN B 233 -14.75 5.98 -57.27
CA GLN B 233 -14.13 5.36 -58.45
C GLN B 233 -15.01 5.42 -59.69
N LYS B 234 -16.31 5.24 -59.51
CA LYS B 234 -17.24 5.31 -60.64
C LYS B 234 -17.83 6.71 -60.81
N SER B 235 -17.37 7.65 -59.99
CA SER B 235 -17.89 9.01 -60.08
C SER B 235 -17.35 9.70 -61.33
N VAL B 236 -18.09 10.69 -61.82
CA VAL B 236 -17.71 11.38 -63.05
C VAL B 236 -16.46 12.24 -62.86
N LEU B 237 -16.32 12.78 -61.65
CA LEU B 237 -15.24 13.71 -61.37
C LEU B 237 -13.89 12.99 -61.23
N TRP B 238 -13.90 11.83 -60.58
CA TRP B 238 -12.67 11.10 -60.34
C TRP B 238 -12.15 10.45 -61.62
N ARG B 239 -13.05 9.96 -62.46
CA ARG B 239 -12.66 9.32 -63.70
C ARG B 239 -12.09 10.35 -64.68
N ALA B 240 -12.45 11.62 -64.48
CA ALA B 240 -12.02 12.70 -65.36
C ALA B 240 -10.65 13.23 -64.96
N MET B 241 -10.10 12.71 -63.87
CA MET B 241 -8.80 13.15 -63.40
C MET B 241 -7.71 12.70 -64.37
N PRO B 242 -6.77 13.61 -64.68
CA PRO B 242 -5.66 13.35 -65.61
C PRO B 242 -4.82 12.14 -65.18
N PHE B 243 -4.49 12.07 -63.90
CA PHE B 243 -3.66 10.98 -63.39
C PHE B 243 -4.41 9.66 -63.39
N VAL B 244 -5.74 9.72 -63.43
CA VAL B 244 -6.56 8.52 -63.50
C VAL B 244 -6.59 7.98 -64.92
N GLN B 245 -6.83 8.87 -65.87
CA GLN B 245 -6.88 8.51 -67.29
C GLN B 245 -5.50 8.06 -67.79
N ALA B 246 -4.45 8.61 -67.18
CA ALA B 246 -3.09 8.25 -67.55
C ALA B 246 -2.69 6.94 -66.87
N GLY B 247 -3.53 6.49 -65.94
CA GLY B 247 -3.31 5.23 -65.27
C GLY B 247 -2.29 5.31 -64.16
N ARG B 248 -1.96 6.54 -63.74
CA ARG B 248 -0.98 6.76 -62.69
C ARG B 248 -1.66 7.00 -61.35
N VAL B 249 -2.46 6.03 -60.91
CA VAL B 249 -3.15 6.11 -59.64
C VAL B 249 -3.45 4.71 -59.10
N ASN B 250 -3.25 4.53 -57.80
CA ASN B 250 -3.47 3.23 -57.17
C ASN B 250 -3.85 3.41 -55.70
N SER B 251 -4.27 2.32 -55.07
CA SER B 251 -4.67 2.36 -53.67
C SER B 251 -3.61 1.73 -52.79
N VAL B 252 -3.14 2.47 -51.79
CA VAL B 252 -2.13 1.99 -50.87
C VAL B 252 -2.78 1.16 -49.77
N ARG B 253 -2.22 -0.02 -49.50
CA ARG B 253 -2.76 -0.88 -48.45
C ARG B 253 -2.69 -0.15 -47.10
N PRO B 254 -3.65 -0.42 -46.20
CA PRO B 254 -3.83 0.30 -44.94
C PRO B 254 -2.56 0.44 -44.08
N VAL B 255 -2.06 1.66 -43.99
CA VAL B 255 -0.94 1.99 -43.10
C VAL B 255 -1.24 3.30 -42.39
N TRP B 256 -1.13 3.28 -41.06
CA TRP B 256 -1.48 4.44 -40.26
C TRP B 256 -0.53 5.60 -40.50
N SER B 257 -1.06 6.71 -41.00
CA SER B 257 -0.25 7.87 -41.37
C SER B 257 0.17 8.69 -40.15
N TYR B 258 -0.35 8.32 -38.99
CA TYR B 258 -0.05 9.01 -37.75
C TYR B 258 0.43 8.06 -36.66
N GLY B 259 1.32 7.14 -37.04
CA GLY B 259 1.79 6.10 -36.15
C GLY B 259 3.14 6.42 -35.55
N GLY B 260 3.94 5.37 -35.34
CA GLY B 260 5.24 5.50 -34.70
C GLY B 260 6.40 5.43 -35.66
N ALA B 261 7.52 4.90 -35.19
CA ALA B 261 8.73 4.82 -35.98
C ALA B 261 8.60 3.77 -37.08
N MET B 262 8.12 2.59 -36.72
CA MET B 262 7.97 1.50 -37.70
C MET B 262 6.82 1.79 -38.66
N SER B 263 5.99 2.76 -38.32
CA SER B 263 4.95 3.25 -39.22
C SER B 263 5.57 3.74 -40.51
N LEU B 264 6.74 4.37 -40.37
CA LEU B 264 7.49 4.88 -41.50
C LEU B 264 7.91 3.73 -42.42
N ARG B 265 8.27 2.61 -41.81
CA ARG B 265 8.65 1.43 -42.59
C ARG B 265 7.44 0.84 -43.31
N TYR B 266 6.38 0.58 -42.54
CA TYR B 266 5.17 -0.03 -43.08
C TYR B 266 4.59 0.79 -44.22
N SER B 267 4.67 2.11 -44.10
CA SER B 267 4.17 3.00 -45.14
C SER B 267 5.10 3.04 -46.34
N ALA B 268 6.38 2.76 -46.11
CA ALA B 268 7.35 2.73 -47.19
C ALA B 268 7.15 1.52 -48.10
N GLU B 269 6.97 0.35 -47.51
CA GLU B 269 6.72 -0.86 -48.29
C GLU B 269 5.31 -0.85 -48.88
N ALA B 270 4.38 -0.15 -48.23
CA ALA B 270 3.01 -0.08 -48.71
C ALA B 270 2.91 0.86 -49.91
N ILE B 271 3.59 2.00 -49.83
CA ILE B 271 3.63 2.95 -50.94
C ILE B 271 4.37 2.34 -52.14
N THR B 272 5.55 1.78 -51.88
CA THR B 272 6.35 1.16 -52.92
C THR B 272 5.58 0.06 -53.65
N GLU B 273 4.93 -0.80 -52.87
CA GLU B 273 4.14 -1.90 -53.43
C GLU B 273 2.98 -1.37 -54.26
N SER B 274 2.40 -0.26 -53.82
CA SER B 274 1.26 0.33 -54.51
C SER B 274 1.72 1.20 -55.67
N LEU B 275 3.02 1.51 -55.71
CA LEU B 275 3.57 2.35 -56.75
C LEU B 275 4.37 1.51 -57.76
N LEU B 276 4.72 0.29 -57.37
CA LEU B 276 5.32 -0.66 -58.30
C LEU B 276 4.27 -1.07 -59.31
N ALA B 277 3.02 -1.19 -58.86
CA ALA B 277 1.87 -1.25 -59.74
C ALA B 277 1.73 0.11 -60.43
N VAL B 278 0.86 0.18 -61.44
CA VAL B 278 0.65 1.39 -62.25
C VAL B 278 1.95 1.99 -62.82
N ALA B 279 3.00 1.17 -62.86
CA ALA B 279 4.25 1.54 -63.49
C ALA B 279 4.23 1.14 -64.97
N PRO B 280 4.98 1.86 -65.82
CA PRO B 280 5.05 1.58 -67.25
C PRO B 280 5.39 0.12 -67.57
N SER C 15 0.95 -20.14 57.27
CA SER C 15 0.39 -19.64 58.52
C SER C 15 0.30 -18.11 58.52
N HIS C 16 0.45 -17.51 59.69
CA HIS C 16 0.44 -16.05 59.78
C HIS C 16 1.84 -15.47 59.70
N MET C 17 2.36 -15.35 58.48
CA MET C 17 3.68 -14.77 58.27
C MET C 17 3.58 -13.28 57.96
N ARG C 18 4.73 -12.61 58.01
CA ARG C 18 4.77 -11.18 57.70
C ARG C 18 5.12 -11.02 56.23
N VAL C 19 4.09 -10.79 55.41
CA VAL C 19 4.25 -10.76 53.96
C VAL C 19 4.39 -9.34 53.44
N VAL C 20 5.32 -9.15 52.51
CA VAL C 20 5.46 -7.88 51.80
C VAL C 20 5.33 -8.13 50.31
N VAL C 21 4.28 -7.57 49.71
CA VAL C 21 4.08 -7.67 48.27
C VAL C 21 4.62 -6.41 47.61
N LEU C 22 5.09 -6.55 46.36
CA LEU C 22 5.70 -5.44 45.67
C LEU C 22 4.98 -5.11 44.37
N ASN C 23 3.89 -5.83 44.10
CA ASN C 23 3.10 -5.60 42.92
C ASN C 23 1.61 -5.66 43.24
N TRP C 24 0.81 -4.91 42.47
CA TRP C 24 -0.61 -4.79 42.74
C TRP C 24 -1.41 -6.08 42.53
N ASP C 25 -0.98 -6.90 41.58
CA ASP C 25 -1.67 -8.16 41.34
C ASP C 25 -1.48 -9.07 42.56
N LEU C 26 -0.25 -9.17 43.05
CA LEU C 26 0.05 -9.98 44.22
C LEU C 26 -0.62 -9.44 45.48
N LEU C 27 -0.75 -8.11 45.56
CA LEU C 27 -1.44 -7.48 46.67
C LEU C 27 -2.89 -7.92 46.71
N GLU C 28 -3.52 -7.96 45.54
CA GLU C 28 -4.89 -8.44 45.43
C GLU C 28 -5.00 -9.91 45.81
N GLN C 29 -4.15 -10.73 45.20
CA GLN C 29 -4.14 -12.18 45.44
C GLN C 29 -4.03 -12.52 46.92
N VAL C 30 -3.10 -11.85 47.59
CA VAL C 30 -2.83 -12.14 49.00
C VAL C 30 -4.00 -11.70 49.88
N LEU C 31 -4.58 -10.54 49.56
CA LEU C 31 -5.71 -10.02 50.32
C LEU C 31 -6.94 -10.88 50.12
N GLU C 32 -7.11 -11.38 48.90
CA GLU C 32 -8.27 -12.20 48.55
C GLU C 32 -8.20 -13.56 49.25
N LEU C 33 -7.00 -14.00 49.60
CA LEU C 33 -6.82 -15.28 50.27
C LEU C 33 -7.02 -15.18 51.78
N GLY C 34 -7.33 -13.98 52.25
CA GLY C 34 -7.53 -13.77 53.67
C GLY C 34 -6.22 -13.48 54.38
N ILE C 35 -5.17 -13.31 53.60
CA ILE C 35 -3.85 -12.98 54.16
C ILE C 35 -3.69 -11.47 54.16
N GLN C 36 -3.20 -10.94 55.28
CA GLN C 36 -3.05 -9.50 55.42
C GLN C 36 -1.58 -9.14 55.50
N PRO C 37 -1.02 -8.62 54.39
CA PRO C 37 0.40 -8.27 54.30
C PRO C 37 0.75 -7.11 55.21
N VAL C 38 2.04 -6.92 55.47
CA VAL C 38 2.49 -5.81 56.28
C VAL C 38 2.96 -4.66 55.41
N GLY C 39 3.28 -4.96 54.15
CA GLY C 39 3.73 -3.95 53.22
C GLY C 39 3.21 -4.13 51.81
N ALA C 40 2.92 -3.03 51.15
CA ALA C 40 2.43 -3.05 49.77
C ALA C 40 2.73 -1.72 49.09
N PRO C 41 2.96 -1.74 47.77
CA PRO C 41 3.39 -0.54 47.06
C PRO C 41 2.24 0.35 46.58
N GLU C 42 2.47 1.66 46.58
CA GLU C 42 1.55 2.65 46.04
C GLU C 42 0.11 2.45 46.50
N LEU C 43 -0.11 2.51 47.82
CA LEU C 43 -1.43 2.27 48.38
C LEU C 43 -2.40 3.39 48.04
N SER C 44 -1.87 4.60 47.86
CA SER C 44 -2.70 5.75 47.52
C SER C 44 -3.24 5.63 46.10
N SER C 45 -2.38 5.20 45.17
CA SER C 45 -2.79 5.04 43.78
C SER C 45 -3.63 3.77 43.61
N TYR C 46 -3.43 2.82 44.53
CA TYR C 46 -4.12 1.54 44.47
C TYR C 46 -5.63 1.72 44.58
N VAL C 47 -6.06 2.61 45.47
CA VAL C 47 -7.47 2.82 45.72
C VAL C 47 -8.11 3.64 44.60
N GLN C 48 -7.32 3.98 43.59
CA GLN C 48 -7.83 4.73 42.45
C GLN C 48 -7.85 3.87 41.19
N TRP C 49 -6.90 2.94 41.08
CA TRP C 49 -6.73 2.17 39.86
C TRP C 49 -7.21 0.73 40.00
N VAL C 50 -6.90 0.11 41.14
CA VAL C 50 -7.30 -1.27 41.39
C VAL C 50 -8.62 -1.30 42.15
N VAL C 51 -8.67 -0.50 43.22
CA VAL C 51 -9.91 -0.21 43.96
C VAL C 51 -10.59 -1.41 44.61
N GLN C 52 -10.81 -2.45 43.82
CA GLN C 52 -11.72 -3.54 44.17
C GLN C 52 -11.36 -4.30 45.46
N PRO C 53 -10.16 -4.81 45.63
CA PRO C 53 -9.86 -5.49 46.89
C PRO C 53 -9.32 -4.52 47.91
N GLU C 54 -10.21 -3.83 48.61
CA GLU C 54 -9.84 -2.85 49.62
C GLU C 54 -8.64 -3.24 50.46
N VAL C 55 -7.69 -2.33 50.58
CA VAL C 55 -6.46 -2.58 51.32
C VAL C 55 -6.56 -2.09 52.75
N PRO C 56 -6.49 -3.01 53.70
CA PRO C 56 -6.68 -2.70 55.13
C PRO C 56 -5.81 -1.54 55.64
N SER C 57 -6.17 -1.05 56.82
CA SER C 57 -5.51 0.10 57.42
C SER C 57 -4.09 -0.21 57.89
N SER C 58 -3.82 -1.47 58.19
CA SER C 58 -2.55 -1.88 58.77
C SER C 58 -1.40 -1.81 57.77
N VAL C 59 -1.69 -2.16 56.53
CA VAL C 59 -0.66 -2.22 55.48
C VAL C 59 -0.01 -0.86 55.23
N GLN C 60 1.33 -0.86 55.25
CA GLN C 60 2.09 0.37 55.04
C GLN C 60 2.58 0.49 53.60
N ASP C 61 2.69 1.72 53.11
CA ASP C 61 3.16 1.97 51.76
C ASP C 61 4.68 1.87 51.71
N ILE C 62 5.20 0.82 51.09
CA ILE C 62 6.64 0.58 51.03
C ILE C 62 7.29 1.12 49.76
N GLY C 63 6.64 2.07 49.10
CA GLY C 63 7.19 2.65 47.89
C GLY C 63 6.40 2.30 46.64
N THR C 64 7.07 2.26 45.50
CA THR C 64 6.44 1.94 44.24
C THR C 64 6.69 0.49 43.81
N ARG C 65 6.07 0.08 42.70
CA ARG C 65 6.31 -1.25 42.15
C ARG C 65 7.66 -1.34 41.45
N THR C 66 8.10 -0.23 40.87
CA THR C 66 9.36 -0.20 40.14
C THR C 66 10.55 0.09 41.06
N GLU C 67 10.34 0.99 42.02
CA GLU C 67 11.40 1.38 42.93
C GLU C 67 10.97 1.29 44.38
N PRO C 68 10.92 0.07 44.93
CA PRO C 68 10.51 -0.13 46.31
C PRO C 68 11.53 0.44 47.28
N ASN C 69 11.08 0.78 48.49
CA ASN C 69 11.97 1.32 49.51
C ASN C 69 12.59 0.19 50.31
N LEU C 70 13.87 -0.06 50.07
CA LEU C 70 14.58 -1.16 50.73
C LEU C 70 14.71 -0.90 52.22
N GLU C 71 14.89 0.37 52.57
CA GLU C 71 15.01 0.78 53.96
C GLU C 71 13.71 0.46 54.71
N LYS C 72 12.59 0.71 54.05
CA LYS C 72 11.28 0.53 54.68
C LYS C 72 10.82 -0.91 54.81
N ILE C 73 11.00 -1.73 53.76
CA ILE C 73 10.52 -3.11 53.79
C ILE C 73 11.30 -3.90 54.84
N ALA C 74 12.58 -3.58 55.00
CA ALA C 74 13.42 -4.27 55.96
C ALA C 74 13.02 -3.91 57.37
N ALA C 75 12.45 -2.72 57.54
CA ALA C 75 12.02 -2.26 58.86
C ALA C 75 10.72 -2.95 59.29
N LEU C 76 9.99 -3.49 58.32
CA LEU C 76 8.74 -4.19 58.59
C LEU C 76 8.98 -5.64 58.99
N LYS C 77 10.24 -6.06 58.93
CA LYS C 77 10.64 -7.44 59.25
C LYS C 77 9.80 -8.48 58.53
N PRO C 78 9.96 -8.58 57.20
CA PRO C 78 9.14 -9.55 56.46
C PRO C 78 9.65 -10.98 56.61
N ASP C 79 8.75 -11.95 56.51
CA ASP C 79 9.14 -13.35 56.51
C ASP C 79 9.26 -13.84 55.07
N VAL C 80 8.56 -13.15 54.18
CA VAL C 80 8.60 -13.43 52.75
C VAL C 80 8.37 -12.15 51.96
N ILE C 81 8.99 -12.06 50.79
CA ILE C 81 8.76 -10.93 49.90
C ILE C 81 8.21 -11.45 48.59
N LEU C 82 7.00 -11.01 48.25
CA LEU C 82 6.35 -11.45 47.02
C LEU C 82 6.59 -10.46 45.88
N ALA C 83 7.37 -10.88 44.91
CA ALA C 83 7.68 -10.04 43.76
C ALA C 83 7.10 -10.63 42.48
N ALA C 84 6.72 -9.75 41.56
CA ALA C 84 6.17 -10.18 40.28
C ALA C 84 7.10 -9.74 39.16
N GLY C 85 6.56 -9.69 37.93
CA GLY C 85 7.33 -9.31 36.75
C GLY C 85 8.24 -8.09 36.88
N PRO C 86 7.66 -6.91 37.14
CA PRO C 86 8.42 -5.66 37.19
C PRO C 86 9.48 -5.57 38.30
N GLN C 87 9.56 -6.56 39.18
CA GLN C 87 10.58 -6.55 40.23
C GLN C 87 11.61 -7.66 40.03
N GLN C 88 11.69 -8.17 38.81
CA GLN C 88 12.53 -9.32 38.51
C GLN C 88 14.02 -8.99 38.60
N ASP C 89 14.38 -7.72 38.38
CA ASP C 89 15.77 -7.31 38.44
C ASP C 89 16.21 -7.02 39.88
N LEU C 90 15.29 -7.18 40.82
CA LEU C 90 15.56 -6.88 42.22
C LEU C 90 15.56 -8.13 43.09
N LEU C 91 15.24 -9.27 42.51
CA LEU C 91 15.11 -10.52 43.25
C LEU C 91 16.38 -10.83 44.05
N ALA C 92 17.53 -10.61 43.44
CA ALA C 92 18.81 -10.81 44.10
C ALA C 92 18.97 -9.82 45.24
N THR C 93 18.54 -8.58 45.00
CA THR C 93 18.63 -7.49 45.97
C THR C 93 17.69 -7.70 47.14
N LEU C 94 16.49 -8.18 46.84
CA LEU C 94 15.45 -8.37 47.84
C LEU C 94 15.84 -9.51 48.78
N GLY C 95 16.63 -10.44 48.25
CA GLY C 95 17.09 -11.59 49.00
C GLY C 95 17.98 -11.24 50.18
N ARG C 96 18.58 -10.06 50.13
CA ARG C 96 19.45 -9.59 51.21
C ARG C 96 18.63 -9.25 52.45
N ILE C 97 17.35 -8.99 52.25
CA ILE C 97 16.44 -8.66 53.35
C ILE C 97 15.65 -9.87 53.86
N ALA C 98 15.05 -10.61 52.95
CA ALA C 98 14.22 -11.76 53.31
C ALA C 98 14.03 -12.67 52.10
N PRO C 99 13.73 -13.96 52.35
CA PRO C 99 13.41 -14.90 51.27
C PRO C 99 12.34 -14.38 50.33
N VAL C 100 12.54 -14.57 49.03
CA VAL C 100 11.64 -14.01 48.02
C VAL C 100 10.89 -15.09 47.25
N VAL C 101 9.58 -14.90 47.09
CA VAL C 101 8.79 -15.77 46.23
C VAL C 101 8.42 -14.99 44.98
N TYR C 102 8.99 -15.38 43.85
CA TYR C 102 8.84 -14.66 42.59
C TYR C 102 7.74 -15.28 41.71
N LEU C 103 6.63 -14.55 41.57
CA LEU C 103 5.51 -15.02 40.76
C LEU C 103 5.23 -14.04 39.62
N PRO C 104 5.89 -14.24 38.47
CA PRO C 104 5.78 -13.35 37.31
C PRO C 104 4.52 -13.61 36.49
N ASN C 105 4.15 -12.63 35.67
CA ASN C 105 2.95 -12.74 34.85
C ASN C 105 2.95 -11.63 33.79
N PHE C 106 2.01 -11.74 32.85
CA PHE C 106 1.78 -10.75 31.81
C PHE C 106 2.98 -10.60 30.86
N SER C 107 3.55 -11.72 30.46
CA SER C 107 4.54 -11.73 29.38
C SER C 107 3.81 -11.97 28.07
N GLU C 108 4.56 -12.00 26.98
CA GLU C 108 3.97 -12.27 25.68
C GLU C 108 3.54 -13.72 25.60
N GLN C 109 4.05 -14.53 26.51
CA GLN C 109 3.82 -15.97 26.49
C GLN C 109 2.71 -16.37 27.45
N ASP C 110 2.54 -15.56 28.50
CA ASP C 110 1.55 -15.82 29.54
C ASP C 110 0.14 -15.47 29.12
N ASN C 111 -0.80 -16.36 29.41
CA ASN C 111 -2.20 -16.05 29.19
C ASN C 111 -2.81 -15.26 30.34
N ALA C 112 -1.95 -14.51 31.05
CA ALA C 112 -2.35 -13.62 32.14
C ALA C 112 -3.39 -14.20 33.10
N ALA C 113 -4.61 -14.38 32.60
CA ALA C 113 -5.74 -14.80 33.42
C ALA C 113 -5.53 -16.20 33.98
N GLN C 114 -5.22 -17.14 33.10
CA GLN C 114 -4.89 -18.50 33.49
C GLN C 114 -3.75 -18.47 34.51
N VAL C 115 -2.72 -17.70 34.20
CA VAL C 115 -1.55 -17.57 35.05
C VAL C 115 -1.90 -16.94 36.39
N ALA C 116 -2.83 -15.98 36.36
CA ALA C 116 -3.28 -15.31 37.58
C ALA C 116 -3.99 -16.27 38.50
N ILE C 117 -4.66 -17.27 37.92
CA ILE C 117 -5.35 -18.28 38.70
C ILE C 117 -4.36 -19.30 39.26
N SER C 118 -3.40 -19.72 38.44
CA SER C 118 -2.40 -20.68 38.88
C SER C 118 -1.52 -20.11 40.00
N HIS C 119 -1.30 -18.80 39.96
CA HIS C 119 -0.57 -18.12 41.01
C HIS C 119 -1.44 -17.99 42.26
N PHE C 120 -2.74 -17.79 42.05
CA PHE C 120 -3.70 -17.69 43.15
C PHE C 120 -3.76 -19.00 43.93
N LYS C 121 -3.68 -20.12 43.22
CA LYS C 121 -3.68 -21.43 43.84
C LYS C 121 -2.38 -21.70 44.57
N THR C 122 -1.26 -21.35 43.93
CA THR C 122 0.06 -21.56 44.50
C THR C 122 0.24 -20.76 45.78
N LEU C 123 -0.20 -19.50 45.77
CA LEU C 123 -0.13 -18.65 46.95
C LEU C 123 -0.97 -19.20 48.08
N ALA C 124 -2.10 -19.81 47.72
CA ALA C 124 -3.00 -20.40 48.71
C ALA C 124 -2.35 -21.57 49.44
N THR C 125 -1.71 -22.45 48.69
CA THR C 125 -1.07 -23.63 49.26
C THR C 125 0.07 -23.23 50.18
N LEU C 126 0.82 -22.21 49.77
CA LEU C 126 1.95 -21.72 50.56
C LEU C 126 1.52 -21.07 51.87
N PHE C 127 0.34 -20.44 51.86
CA PHE C 127 -0.13 -19.71 53.03
C PHE C 127 -1.20 -20.48 53.80
N GLY C 128 -1.45 -21.72 53.38
CA GLY C 128 -2.38 -22.59 54.07
C GLY C 128 -3.84 -22.26 53.83
N LYS C 129 -4.09 -21.13 53.17
CA LYS C 129 -5.45 -20.73 52.83
C LYS C 129 -5.90 -21.40 51.53
N GLU C 130 -5.70 -22.70 51.47
CA GLU C 130 -5.97 -23.46 50.25
C GLU C 130 -7.47 -23.64 50.05
N ALA C 131 -8.19 -23.82 51.15
CA ALA C 131 -9.64 -24.03 51.13
C ALA C 131 -10.36 -22.76 50.67
N VAL C 132 -9.93 -21.62 51.19
CA VAL C 132 -10.54 -20.33 50.88
C VAL C 132 -10.41 -20.00 49.38
N ALA C 133 -9.30 -20.41 48.78
CA ALA C 133 -9.05 -20.17 47.37
C ALA C 133 -10.06 -20.90 46.50
N GLN C 134 -10.30 -22.16 46.81
CA GLN C 134 -11.23 -22.99 46.04
C GLN C 134 -12.65 -22.46 46.10
N GLN C 135 -13.06 -21.98 47.27
CA GLN C 135 -14.40 -21.42 47.43
C GLN C 135 -14.61 -20.21 46.53
N LYS C 136 -13.62 -19.34 46.46
CA LYS C 136 -13.72 -18.14 45.64
C LYS C 136 -13.66 -18.41 44.13
N LEU C 137 -12.77 -19.31 43.73
CA LEU C 137 -12.60 -19.62 42.31
C LEU C 137 -13.82 -20.26 41.66
N GLU C 138 -14.41 -21.25 42.33
CA GLU C 138 -15.61 -21.91 41.81
C GLU C 138 -16.79 -20.94 41.81
N ALA C 139 -16.79 -20.02 42.78
CA ALA C 139 -17.83 -19.00 42.85
C ALA C 139 -17.67 -17.99 41.72
N MET C 140 -16.43 -17.78 41.30
CA MET C 140 -16.14 -16.87 40.20
C MET C 140 -16.62 -17.46 38.89
N TYR C 141 -16.32 -18.74 38.68
CA TYR C 141 -16.72 -19.45 37.47
C TYR C 141 -18.24 -19.47 37.34
N ALA C 142 -18.91 -19.66 38.47
CA ALA C 142 -20.37 -19.62 38.52
C ALA C 142 -20.87 -18.21 38.21
N ARG C 143 -20.13 -17.22 38.72
CA ARG C 143 -20.46 -15.82 38.51
C ARG C 143 -20.36 -15.44 37.03
N PHE C 144 -19.38 -16.02 36.35
CA PHE C 144 -19.21 -15.79 34.91
C PHE C 144 -20.47 -16.11 34.13
N SER C 145 -21.00 -17.31 34.37
CA SER C 145 -22.19 -17.78 33.67
C SER C 145 -23.40 -16.93 34.04
N GLU C 146 -23.38 -16.38 35.25
CA GLU C 146 -24.46 -15.50 35.71
C GLU C 146 -24.54 -14.25 34.85
N LEU C 147 -23.41 -13.56 34.64
CA LEU C 147 -23.39 -12.39 33.79
C LEU C 147 -23.66 -12.75 32.33
N LYS C 148 -23.11 -13.88 31.90
CA LYS C 148 -23.35 -14.36 30.54
C LYS C 148 -24.84 -14.55 30.28
N ALA C 149 -25.54 -15.13 31.25
CA ALA C 149 -26.97 -15.36 31.13
C ALA C 149 -27.72 -14.04 31.05
N SER C 150 -27.33 -13.10 31.90
CA SER C 150 -27.96 -11.78 31.93
C SER C 150 -27.63 -10.98 30.67
N LEU C 151 -26.54 -11.36 29.99
CA LEU C 151 -26.15 -10.67 28.77
C LEU C 151 -26.90 -11.16 27.53
N GLN C 152 -27.16 -12.45 27.44
CA GLN C 152 -27.93 -12.97 26.32
C GLN C 152 -29.40 -12.62 26.52
N HIS C 153 -29.80 -12.46 27.78
CA HIS C 153 -31.12 -11.96 28.10
C HIS C 153 -31.07 -10.44 28.23
N ALA C 154 -31.11 -9.77 27.07
CA ALA C 154 -30.91 -8.32 26.90
C ALA C 154 -30.29 -8.03 25.53
N PHE C 155 -29.64 -9.04 24.95
CA PHE C 155 -29.07 -8.89 23.62
C PHE C 155 -29.58 -9.96 22.65
N GLY C 156 -30.17 -11.01 23.19
CA GLY C 156 -30.64 -12.09 22.33
C GLY C 156 -29.46 -12.97 21.99
N ASP C 157 -29.55 -14.26 22.31
CA ASP C 157 -28.43 -15.23 22.29
C ASP C 157 -27.22 -15.00 21.36
N THR C 158 -27.25 -13.96 20.53
CA THR C 158 -26.08 -13.58 19.75
C THR C 158 -25.47 -12.34 20.36
N LEU C 159 -24.58 -12.55 21.34
CA LEU C 159 -23.92 -11.47 22.05
C LEU C 159 -23.05 -10.64 21.12
N PRO C 160 -23.00 -9.31 21.34
CA PRO C 160 -22.27 -8.43 20.44
C PRO C 160 -20.76 -8.58 20.55
N ALA C 161 -20.04 -7.90 19.67
CA ALA C 161 -18.58 -7.88 19.70
C ALA C 161 -18.10 -6.64 20.42
N VAL C 162 -17.15 -6.80 21.34
CA VAL C 162 -16.75 -5.71 22.22
C VAL C 162 -15.27 -5.36 22.09
N VAL C 163 -14.97 -4.07 22.13
CA VAL C 163 -13.60 -3.58 22.20
C VAL C 163 -13.30 -3.07 23.61
N THR C 164 -12.31 -3.65 24.26
CA THR C 164 -11.89 -3.20 25.58
C THR C 164 -10.55 -2.48 25.50
N LEU C 165 -10.48 -1.28 26.05
CA LEU C 165 -9.26 -0.49 25.96
C LEU C 165 -9.05 0.48 27.11
N ARG C 166 -7.83 1.00 27.19
CA ARG C 166 -7.51 2.12 28.07
C ARG C 166 -6.81 3.20 27.26
N PHE C 167 -7.15 4.46 27.54
CA PHE C 167 -6.56 5.57 26.82
C PHE C 167 -5.09 5.73 27.22
N ALA C 168 -4.24 5.85 26.21
CA ALA C 168 -2.82 6.12 26.43
C ALA C 168 -2.60 7.62 26.54
N ASN C 169 -3.06 8.32 25.52
CA ASN C 169 -3.05 9.78 25.49
C ASN C 169 -4.38 10.22 24.90
N PRO C 170 -4.69 11.53 24.93
CA PRO C 170 -5.94 11.97 24.29
C PRO C 170 -6.04 11.60 22.80
N THR C 171 -4.96 11.10 22.22
CA THR C 171 -4.93 10.70 20.81
C THR C 171 -4.49 9.26 20.61
N SER C 172 -4.06 8.60 21.68
CA SER C 172 -3.61 7.21 21.59
C SER C 172 -4.37 6.29 22.54
N VAL C 173 -4.46 5.01 22.17
CA VAL C 173 -5.26 4.04 22.93
C VAL C 173 -4.56 2.69 23.09
N PHE C 174 -4.69 2.10 24.27
CA PHE C 174 -4.18 0.76 24.54
C PHE C 174 -5.25 -0.32 24.33
N LEU C 175 -5.25 -0.94 23.16
CA LEU C 175 -6.15 -2.06 22.90
C LEU C 175 -5.63 -3.30 23.61
N TYR C 176 -6.54 -4.11 24.15
CA TYR C 176 -6.13 -5.30 24.88
C TYR C 176 -6.06 -6.52 23.96
N THR C 177 -4.98 -7.27 24.08
CA THR C 177 -4.68 -8.36 23.18
C THR C 177 -5.35 -9.66 23.59
N GLU C 178 -5.09 -10.72 22.83
CA GLU C 178 -5.75 -12.00 23.03
C GLU C 178 -5.30 -12.71 24.31
N ASN C 179 -4.14 -12.34 24.83
CA ASN C 179 -3.60 -13.00 26.02
C ASN C 179 -3.83 -12.16 27.28
N SER C 180 -4.55 -11.05 27.12
CA SER C 180 -4.85 -10.16 28.24
C SER C 180 -6.00 -10.70 29.08
N THR C 181 -6.17 -10.15 30.28
CA THR C 181 -7.27 -10.55 31.15
C THR C 181 -8.64 -10.00 30.71
N PRO C 182 -8.69 -8.79 30.10
CA PRO C 182 -10.01 -8.42 29.60
C PRO C 182 -10.50 -9.34 28.47
N GLN C 183 -9.57 -9.86 27.67
CA GLN C 183 -9.92 -10.79 26.61
C GLN C 183 -10.52 -12.07 27.18
N TYR C 184 -9.93 -12.56 28.26
CA TYR C 184 -10.42 -13.73 28.96
C TYR C 184 -11.83 -13.52 29.46
N VAL C 185 -12.07 -12.32 30.00
CA VAL C 185 -13.39 -11.95 30.51
C VAL C 185 -14.43 -11.95 29.41
N LEU C 186 -14.09 -11.35 28.28
CA LEU C 186 -15.00 -11.30 27.12
C LEU C 186 -15.38 -12.70 26.67
N GLU C 187 -14.42 -13.62 26.70
CA GLU C 187 -14.67 -15.00 26.28
C GLU C 187 -15.55 -15.74 27.28
N GLN C 188 -15.39 -15.43 28.55
CA GLN C 188 -16.18 -16.07 29.60
C GLN C 188 -17.61 -15.56 29.59
N LEU C 189 -17.80 -14.35 29.06
CA LEU C 189 -19.13 -13.75 28.99
C LEU C 189 -19.82 -14.11 27.69
N GLY C 190 -19.10 -14.77 26.78
CA GLY C 190 -19.65 -15.16 25.50
C GLY C 190 -19.63 -14.02 24.50
N LEU C 191 -18.92 -12.95 24.85
CA LEU C 191 -18.82 -11.79 23.98
C LEU C 191 -17.77 -12.00 22.91
N SER C 192 -18.00 -11.43 21.73
CA SER C 192 -17.04 -11.54 20.63
C SER C 192 -15.97 -10.44 20.69
N SER C 193 -14.86 -10.69 20.00
CA SER C 193 -13.76 -9.73 19.94
C SER C 193 -13.89 -8.82 18.73
N ALA C 194 -14.42 -7.62 18.93
CA ALA C 194 -14.67 -6.68 17.84
C ALA C 194 -13.40 -6.18 17.16
N LEU C 195 -12.26 -6.36 17.83
CA LEU C 195 -10.99 -5.91 17.28
C LEU C 195 -9.82 -6.68 17.88
N PRO C 196 -9.66 -7.95 17.47
CA PRO C 196 -8.64 -8.83 18.05
C PRO C 196 -7.22 -8.32 17.82
N GLN C 197 -6.32 -8.66 18.74
CA GLN C 197 -4.92 -8.28 18.62
C GLN C 197 -4.02 -9.44 19.01
N PRO C 198 -2.88 -9.59 18.30
CA PRO C 198 -1.91 -10.63 18.65
C PRO C 198 -1.34 -10.39 20.05
N PRO C 199 -1.00 -11.47 20.77
CA PRO C 199 -0.51 -11.40 22.15
C PRO C 199 0.70 -10.50 22.30
N LYS C 200 0.70 -9.67 23.34
CA LYS C 200 1.80 -8.74 23.62
C LYS C 200 2.03 -8.66 25.13
N GLU C 201 3.10 -7.98 25.54
CA GLU C 201 3.41 -7.83 26.95
C GLU C 201 2.34 -6.98 27.63
N TRP C 202 1.96 -7.37 28.85
CA TRP C 202 0.89 -6.74 29.62
C TRP C 202 -0.46 -6.85 28.94
N GLY C 203 -0.51 -7.57 27.82
CA GLY C 203 -1.77 -7.81 27.14
C GLY C 203 -2.29 -6.61 26.39
N ILE C 204 -1.42 -5.64 26.10
CA ILE C 204 -1.86 -4.42 25.45
C ILE C 204 -1.11 -4.10 24.16
N VAL C 205 -1.75 -3.30 23.30
CA VAL C 205 -1.12 -2.74 22.11
C VAL C 205 -1.47 -1.26 22.01
N GLN C 206 -0.47 -0.43 21.76
CA GLN C 206 -0.71 1.00 21.62
C GLN C 206 -0.99 1.39 20.17
N LYS C 207 -2.25 1.64 19.87
CA LYS C 207 -2.64 2.10 18.54
C LYS C 207 -3.14 3.55 18.64
N ARG C 208 -3.14 4.26 17.53
CA ARG C 208 -3.66 5.63 17.52
C ARG C 208 -5.18 5.61 17.62
N LEU C 209 -5.74 6.63 18.27
CA LEU C 209 -7.18 6.73 18.44
C LEU C 209 -7.91 6.85 17.11
N SER C 210 -7.24 7.46 16.12
CA SER C 210 -7.83 7.65 14.80
C SER C 210 -8.08 6.33 14.09
N GLU C 211 -7.45 5.27 14.59
CA GLU C 211 -7.61 3.94 14.01
C GLU C 211 -8.96 3.35 14.39
N LEU C 212 -9.58 3.92 15.42
CA LEU C 212 -10.89 3.47 15.88
C LEU C 212 -12.02 4.13 15.11
N GLN C 213 -11.68 4.86 14.06
CA GLN C 213 -12.68 5.50 13.20
C GLN C 213 -13.39 4.46 12.34
N HIS C 214 -12.75 3.31 12.21
CA HIS C 214 -13.24 2.25 11.33
C HIS C 214 -14.00 1.16 12.09
N VAL C 215 -14.08 1.29 13.40
CA VAL C 215 -14.89 0.34 14.17
C VAL C 215 -16.37 0.70 14.12
N GLU C 216 -16.99 0.42 12.99
CA GLU C 216 -18.41 0.71 12.76
C GLU C 216 -19.29 -0.42 13.25
N GLN C 217 -18.73 -1.43 13.87
CA GLN C 217 -19.60 -2.53 14.23
C GLN C 217 -19.90 -2.89 15.67
N GLY C 218 -18.91 -3.11 16.49
CA GLY C 218 -19.21 -3.50 17.85
C GLY C 218 -19.39 -2.39 18.86
N TYR C 219 -19.21 -2.76 20.13
CA TYR C 219 -19.34 -1.83 21.26
C TYR C 219 -17.94 -1.60 21.80
N VAL C 220 -17.68 -0.39 22.27
CA VAL C 220 -16.36 -0.05 22.78
C VAL C 220 -16.43 0.35 24.25
N LEU C 221 -15.68 -0.36 25.07
CA LEU C 221 -15.63 -0.08 26.50
C LEU C 221 -14.23 0.36 26.91
N TYR C 222 -14.15 1.40 27.73
CA TYR C 222 -12.86 1.86 28.21
C TYR C 222 -12.83 1.92 29.73
N PHE C 223 -11.74 1.41 30.31
CA PHE C 223 -11.61 1.30 31.75
C PHE C 223 -11.25 2.64 32.39
N LEU C 224 -11.77 2.85 33.59
CA LEU C 224 -11.49 4.04 34.37
C LEU C 224 -10.40 3.72 35.41
N PRO C 225 -9.72 4.76 35.93
CA PRO C 225 -9.86 6.19 35.65
C PRO C 225 -9.05 6.65 34.45
N PHE C 226 -9.44 7.81 33.91
CA PHE C 226 -8.66 8.49 32.89
C PHE C 226 -8.83 9.99 33.09
N ALA C 227 -7.76 10.64 33.51
CA ALA C 227 -7.81 12.04 33.94
C ALA C 227 -8.22 13.00 32.83
N GLU C 228 -8.02 12.57 31.59
CA GLU C 228 -8.29 13.43 30.44
C GLU C 228 -9.47 12.92 29.62
N GLU C 229 -10.45 12.33 30.31
CA GLU C 229 -11.65 11.80 29.66
C GLU C 229 -12.47 12.88 28.98
N LYS C 230 -12.73 13.97 29.70
CA LYS C 230 -13.46 15.11 29.15
C LYS C 230 -12.77 15.70 27.94
N LYS C 231 -11.44 15.77 28.00
CA LYS C 231 -10.63 16.32 26.91
C LYS C 231 -10.81 15.53 25.62
N VAL C 232 -10.81 14.20 25.73
CA VAL C 232 -10.98 13.35 24.56
C VAL C 232 -12.42 13.43 24.06
N GLN C 233 -13.34 13.43 25.02
CA GLN C 233 -14.77 13.49 24.75
C GLN C 233 -15.15 14.79 24.04
N LYS C 234 -14.42 15.85 24.33
CA LYS C 234 -14.68 17.16 23.74
C LYS C 234 -13.96 17.34 22.40
N SER C 235 -13.20 16.32 22.00
CA SER C 235 -12.45 16.39 20.75
C SER C 235 -13.34 16.15 19.54
N VAL C 236 -12.91 16.67 18.40
CA VAL C 236 -13.65 16.52 17.15
C VAL C 236 -13.57 15.08 16.69
N LEU C 237 -12.45 14.44 17.02
CA LEU C 237 -12.14 13.09 16.56
C LEU C 237 -12.99 12.04 17.26
N TRP C 238 -13.19 12.21 18.55
CA TRP C 238 -13.95 11.25 19.34
C TRP C 238 -15.44 11.31 19.02
N ARG C 239 -15.94 12.51 18.77
CA ARG C 239 -17.34 12.69 18.44
C ARG C 239 -17.64 12.16 17.03
N ALA C 240 -16.59 12.06 16.22
CA ALA C 240 -16.74 11.56 14.85
C ALA C 240 -16.67 10.04 14.80
N MET C 241 -16.42 9.42 15.94
CA MET C 241 -16.35 7.97 16.01
C MET C 241 -17.72 7.36 15.79
N PRO C 242 -17.79 6.31 14.95
CA PRO C 242 -19.05 5.63 14.65
C PRO C 242 -19.75 5.10 15.90
N PHE C 243 -18.98 4.45 16.77
CA PHE C 243 -19.53 3.85 17.98
C PHE C 243 -19.96 4.89 19.01
N VAL C 244 -19.44 6.10 18.89
CA VAL C 244 -19.83 7.18 19.81
C VAL C 244 -21.18 7.77 19.44
N GLN C 245 -21.34 8.14 18.16
CA GLN C 245 -22.60 8.69 17.69
C GLN C 245 -23.70 7.64 17.67
N ALA C 246 -23.33 6.38 17.46
CA ALA C 246 -24.30 5.30 17.44
C ALA C 246 -24.65 4.83 18.85
N GLY C 247 -23.92 5.36 19.84
CA GLY C 247 -24.22 5.07 21.23
C GLY C 247 -23.69 3.74 21.73
N ARG C 248 -22.78 3.13 20.99
CA ARG C 248 -22.21 1.85 21.39
C ARG C 248 -20.87 2.05 22.08
N VAL C 249 -20.87 2.83 23.14
CA VAL C 249 -19.65 3.11 23.89
C VAL C 249 -19.99 3.49 25.33
N ASN C 250 -19.21 2.96 26.28
CA ASN C 250 -19.44 3.24 27.69
C ASN C 250 -18.14 3.16 28.49
N SER C 251 -18.19 3.64 29.73
CA SER C 251 -17.03 3.64 30.60
C SER C 251 -17.17 2.58 31.67
N VAL C 252 -16.18 1.70 31.77
CA VAL C 252 -16.17 0.65 32.77
C VAL C 252 -15.62 1.17 34.09
N ARG C 253 -16.32 0.86 35.18
CA ARG C 253 -15.90 1.26 36.53
C ARG C 253 -14.51 0.69 36.84
N PRO C 254 -13.69 1.43 37.60
CA PRO C 254 -12.28 1.11 37.84
C PRO C 254 -12.02 -0.31 38.32
N VAL C 255 -11.43 -1.11 37.43
CA VAL C 255 -10.96 -2.44 37.76
C VAL C 255 -9.61 -2.70 37.10
N TRP C 256 -8.64 -3.15 37.89
CA TRP C 256 -7.27 -3.33 37.43
C TRP C 256 -7.18 -4.46 36.41
N SER C 257 -6.79 -4.12 35.18
CA SER C 257 -6.72 -5.08 34.09
C SER C 257 -5.48 -5.97 34.16
N TYR C 258 -4.61 -5.69 35.12
CA TYR C 258 -3.39 -6.47 35.27
C TYR C 258 -3.30 -7.02 36.69
N GLY C 259 -4.43 -7.55 37.19
CA GLY C 259 -4.51 -7.97 38.57
C GLY C 259 -4.38 -9.47 38.78
N GLY C 260 -5.10 -9.98 39.77
CA GLY C 260 -5.00 -11.38 40.14
C GLY C 260 -6.16 -12.22 39.65
N ALA C 261 -6.50 -13.25 40.41
CA ALA C 261 -7.56 -14.18 40.02
C ALA C 261 -8.93 -13.54 40.15
N MET C 262 -9.17 -12.90 41.29
CA MET C 262 -10.47 -12.29 41.54
C MET C 262 -10.64 -11.03 40.69
N SER C 263 -9.55 -10.55 40.12
CA SER C 263 -9.58 -9.46 39.16
C SER C 263 -10.46 -9.83 37.97
N LEU C 264 -10.41 -11.10 37.58
CA LEU C 264 -11.21 -11.61 36.48
C LEU C 264 -12.70 -11.48 36.79
N ARG C 265 -13.06 -11.73 38.05
CA ARG C 265 -14.44 -11.60 38.49
C ARG C 265 -14.88 -10.15 38.52
N TYR C 266 -14.10 -9.31 39.19
CA TYR C 266 -14.42 -7.90 39.35
C TYR C 266 -14.59 -7.20 37.99
N SER C 267 -13.75 -7.58 37.03
CA SER C 267 -13.81 -7.02 35.69
C SER C 267 -14.97 -7.61 34.89
N ALA C 268 -15.37 -8.83 35.26
CA ALA C 268 -16.50 -9.47 34.62
C ALA C 268 -17.79 -8.77 35.02
N GLU C 269 -17.90 -8.46 36.31
CA GLU C 269 -19.07 -7.75 36.83
C GLU C 269 -19.07 -6.31 36.36
N ALA C 270 -17.88 -5.76 36.14
CA ALA C 270 -17.74 -4.37 35.73
C ALA C 270 -18.07 -4.17 34.26
N ILE C 271 -17.58 -5.08 33.41
CA ILE C 271 -17.85 -5.02 31.98
C ILE C 271 -19.33 -5.26 31.72
N THR C 272 -19.86 -6.32 32.31
CA THR C 272 -21.28 -6.67 32.16
C THR C 272 -22.18 -5.51 32.59
N GLU C 273 -21.88 -4.92 33.74
CA GLU C 273 -22.67 -3.80 34.25
C GLU C 273 -22.61 -2.61 33.30
N SER C 274 -21.45 -2.40 32.71
CA SER C 274 -21.25 -1.28 31.80
C SER C 274 -21.74 -1.60 30.39
N LEU C 275 -21.98 -2.88 30.12
CA LEU C 275 -22.43 -3.30 28.81
C LEU C 275 -23.91 -3.65 28.80
N LEU C 276 -24.47 -3.88 30.00
CA LEU C 276 -25.91 -4.05 30.12
C LEU C 276 -26.57 -2.70 29.90
N ALA C 277 -25.89 -1.64 30.34
CA ALA C 277 -26.21 -0.29 29.93
C ALA C 277 -25.86 -0.16 28.45
N VAL C 278 -26.28 0.95 27.82
CA VAL C 278 -26.10 1.22 26.39
C VAL C 278 -26.55 0.05 25.49
N ALA C 279 -27.37 -0.84 26.04
CA ALA C 279 -27.98 -1.92 25.28
C ALA C 279 -29.30 -1.47 24.67
N PRO C 280 -29.69 -2.06 23.53
CA PRO C 280 -30.96 -1.72 22.87
C PRO C 280 -32.18 -1.86 23.78
N GLY D 14 21.42 4.04 -23.31
CA GLY D 14 21.46 3.70 -21.90
C GLY D 14 20.68 4.73 -21.07
N SER D 15 20.69 4.57 -19.75
CA SER D 15 19.97 5.45 -18.85
C SER D 15 20.77 6.71 -18.51
N HIS D 16 21.88 6.92 -19.22
CA HIS D 16 22.64 8.15 -19.10
C HIS D 16 21.92 9.26 -19.86
N MET D 17 20.81 9.71 -19.29
CA MET D 17 19.88 10.59 -19.99
C MET D 17 19.93 12.02 -19.46
N ARG D 18 19.38 12.95 -20.24
CA ARG D 18 19.34 14.35 -19.82
C ARG D 18 17.99 14.68 -19.18
N VAL D 19 17.95 14.65 -17.85
CA VAL D 19 16.70 14.83 -17.12
C VAL D 19 16.55 16.26 -16.62
N VAL D 20 15.36 16.81 -16.75
CA VAL D 20 15.04 18.10 -16.15
C VAL D 20 13.86 17.96 -15.22
N VAL D 21 14.10 18.18 -13.93
CA VAL D 21 13.04 18.13 -12.93
C VAL D 21 12.52 19.53 -12.65
N LEU D 22 11.24 19.63 -12.32
CA LEU D 22 10.61 20.93 -12.12
C LEU D 22 10.04 21.09 -10.72
N ASN D 23 10.23 20.07 -9.88
CA ASN D 23 9.76 20.11 -8.51
C ASN D 23 10.80 19.53 -7.55
N TRP D 24 10.79 20.01 -6.31
CA TRP D 24 11.82 19.63 -5.34
C TRP D 24 11.74 18.17 -4.93
N ASP D 25 10.53 17.61 -4.87
CA ASP D 25 10.38 16.21 -4.50
C ASP D 25 10.98 15.32 -5.59
N LEU D 26 10.66 15.63 -6.85
CA LEU D 26 11.19 14.88 -7.99
C LEU D 26 12.71 15.04 -8.09
N LEU D 27 13.20 16.22 -7.72
CA LEU D 27 14.64 16.45 -7.69
C LEU D 27 15.30 15.52 -6.69
N GLU D 28 14.67 15.37 -5.53
CA GLU D 28 15.16 14.47 -4.50
C GLU D 28 15.10 13.02 -4.98
N GLN D 29 13.95 12.61 -5.50
CA GLN D 29 13.74 11.24 -5.98
C GLN D 29 14.82 10.87 -6.99
N VAL D 30 15.06 11.78 -7.93
CA VAL D 30 16.00 11.54 -9.00
C VAL D 30 17.44 11.50 -8.47
N LEU D 31 17.76 12.38 -7.53
CA LEU D 31 19.11 12.43 -6.97
C LEU D 31 19.38 11.19 -6.13
N GLU D 32 18.37 10.72 -5.42
CA GLU D 32 18.52 9.55 -4.56
C GLU D 32 18.71 8.28 -5.38
N LEU D 33 18.20 8.29 -6.62
CA LEU D 33 18.32 7.13 -7.50
C LEU D 33 19.66 7.10 -8.22
N GLY D 34 20.51 8.08 -7.93
CA GLY D 34 21.82 8.16 -8.55
C GLY D 34 21.79 8.89 -9.88
N ILE D 35 20.65 9.49 -10.20
CA ILE D 35 20.50 10.25 -11.42
C ILE D 35 20.81 11.72 -11.19
N GLN D 36 21.59 12.32 -12.08
CA GLN D 36 21.97 13.71 -11.94
C GLN D 36 21.36 14.54 -13.05
N PRO D 37 20.30 15.30 -12.73
CA PRO D 37 19.60 16.10 -13.73
C PRO D 37 20.47 17.21 -14.27
N VAL D 38 20.07 17.78 -15.41
CA VAL D 38 20.79 18.89 -16.00
C VAL D 38 20.12 20.20 -15.61
N GLY D 39 18.87 20.11 -15.17
CA GLY D 39 18.12 21.26 -14.73
C GLY D 39 17.24 20.96 -13.53
N ALA D 40 17.13 21.93 -12.63
CA ALA D 40 16.29 21.79 -11.43
C ALA D 40 15.92 23.18 -10.92
N PRO D 41 14.73 23.31 -10.31
CA PRO D 41 14.23 24.63 -9.89
C PRO D 41 14.72 25.08 -8.52
N GLU D 42 14.93 26.39 -8.37
CA GLU D 42 15.27 27.02 -7.10
C GLU D 42 16.37 26.31 -6.31
N LEU D 43 17.55 26.17 -6.91
CA LEU D 43 18.65 25.47 -6.28
C LEU D 43 19.21 26.25 -5.09
N SER D 44 19.12 27.58 -5.17
CA SER D 44 19.60 28.44 -4.09
C SER D 44 18.72 28.30 -2.86
N SER D 45 17.41 28.26 -3.08
CA SER D 45 16.45 28.10 -2.00
C SER D 45 16.40 26.65 -1.52
N TYR D 46 16.78 25.73 -2.40
CA TYR D 46 16.74 24.30 -2.11
C TYR D 46 17.64 23.91 -0.93
N VAL D 47 18.83 24.50 -0.88
CA VAL D 47 19.81 24.16 0.14
C VAL D 47 19.46 24.75 1.49
N GLN D 48 18.30 25.41 1.57
CA GLN D 48 17.84 26.01 2.82
C GLN D 48 16.65 25.26 3.38
N TRP D 49 15.83 24.70 2.49
CA TRP D 49 14.57 24.07 2.89
C TRP D 49 14.59 22.55 2.82
N VAL D 50 15.16 22.01 1.74
CA VAL D 50 15.22 20.57 1.56
C VAL D 50 16.53 20.00 2.10
N VAL D 51 17.63 20.63 1.69
CA VAL D 51 18.95 20.40 2.27
C VAL D 51 19.49 18.96 2.13
N GLN D 52 18.68 17.98 2.51
CA GLN D 52 19.17 16.62 2.71
C GLN D 52 19.78 15.98 1.45
N PRO D 53 19.02 15.87 0.34
CA PRO D 53 19.71 15.33 -0.84
C PRO D 53 20.50 16.43 -1.54
N GLU D 54 21.79 16.57 -1.21
CA GLU D 54 22.60 17.67 -1.71
C GLU D 54 22.63 17.73 -3.23
N VAL D 55 22.20 18.86 -3.77
CA VAL D 55 22.19 19.10 -5.21
C VAL D 55 23.61 19.32 -5.77
N PRO D 56 24.00 18.53 -6.77
CA PRO D 56 25.32 18.59 -7.40
C PRO D 56 25.63 19.96 -8.02
N SER D 57 26.91 20.20 -8.30
CA SER D 57 27.33 21.48 -8.87
C SER D 57 26.95 21.61 -10.35
N SER D 58 26.81 20.49 -11.03
CA SER D 58 26.60 20.49 -12.48
C SER D 58 25.18 20.94 -12.89
N VAL D 59 24.18 20.51 -12.13
CA VAL D 59 22.79 20.81 -12.44
C VAL D 59 22.53 22.32 -12.39
N GLN D 60 21.88 22.84 -13.43
CA GLN D 60 21.61 24.26 -13.55
C GLN D 60 20.25 24.65 -13.00
N ASP D 61 20.16 25.87 -12.47
CA ASP D 61 18.91 26.38 -11.93
C ASP D 61 18.02 26.87 -13.06
N ILE D 62 16.93 26.16 -13.32
CA ILE D 62 16.05 26.48 -14.44
C ILE D 62 14.85 27.37 -14.08
N GLY D 63 14.95 28.07 -12.95
CA GLY D 63 13.87 28.94 -12.52
C GLY D 63 13.19 28.44 -11.26
N THR D 64 11.90 28.75 -11.11
CA THR D 64 11.14 28.31 -9.95
C THR D 64 10.27 27.10 -10.26
N ARG D 65 9.62 26.58 -9.23
CA ARG D 65 8.67 25.47 -9.39
C ARG D 65 7.35 25.92 -10.00
N THR D 66 6.88 27.08 -9.58
CA THR D 66 5.61 27.61 -10.07
C THR D 66 5.74 28.22 -11.46
N GLU D 67 6.85 28.91 -11.69
CA GLU D 67 7.08 29.57 -12.97
C GLU D 67 8.44 29.21 -13.56
N PRO D 68 8.56 27.99 -14.09
CA PRO D 68 9.84 27.56 -14.67
C PRO D 68 10.18 28.34 -15.93
N ASN D 69 11.47 28.44 -16.25
CA ASN D 69 11.90 29.15 -17.44
C ASN D 69 11.94 28.21 -18.64
N LEU D 70 10.94 28.36 -19.52
CA LEU D 70 10.82 27.46 -20.68
C LEU D 70 11.97 27.66 -21.65
N GLU D 71 12.45 28.90 -21.76
CA GLU D 71 13.58 29.23 -22.62
C GLU D 71 14.84 28.49 -22.17
N LYS D 72 15.03 28.43 -20.85
CA LYS D 72 16.21 27.84 -20.25
C LYS D 72 16.18 26.31 -20.28
N ILE D 73 15.05 25.73 -19.94
CA ILE D 73 14.95 24.27 -19.92
C ILE D 73 15.09 23.70 -21.33
N ALA D 74 14.59 24.42 -22.32
CA ALA D 74 14.69 23.99 -23.71
C ALA D 74 16.12 24.14 -24.21
N ALA D 75 16.85 25.08 -23.62
CA ALA D 75 18.23 25.34 -24.01
C ALA D 75 19.17 24.26 -23.49
N LEU D 76 18.72 23.53 -22.47
CA LEU D 76 19.52 22.46 -21.89
C LEU D 76 19.37 21.18 -22.70
N LYS D 77 18.45 21.21 -23.65
CA LYS D 77 18.15 20.07 -24.51
C LYS D 77 17.93 18.78 -23.71
N PRO D 78 16.81 18.72 -22.96
CA PRO D 78 16.53 17.55 -22.15
C PRO D 78 16.01 16.39 -22.99
N ASP D 79 16.24 15.17 -22.54
CA ASP D 79 15.68 14.00 -23.21
C ASP D 79 14.36 13.63 -22.56
N VAL D 80 14.19 14.06 -21.32
CA VAL D 80 12.94 13.85 -20.59
C VAL D 80 12.75 15.00 -19.59
N ILE D 81 11.49 15.39 -19.36
CA ILE D 81 11.18 16.41 -18.38
C ILE D 81 10.25 15.89 -17.29
N LEU D 82 10.71 15.92 -16.05
CA LEU D 82 9.91 15.43 -14.93
C LEU D 82 9.15 16.58 -14.26
N ALA D 83 7.83 16.60 -14.44
CA ALA D 83 6.99 17.63 -13.83
C ALA D 83 6.04 17.00 -12.82
N ALA D 84 5.71 17.76 -11.78
CA ALA D 84 4.80 17.26 -10.75
C ALA D 84 3.51 18.06 -10.71
N GLY D 85 2.78 17.94 -9.60
CA GLY D 85 1.51 18.61 -9.39
C GLY D 85 1.44 20.09 -9.77
N PRO D 86 2.24 20.93 -9.09
CA PRO D 86 2.21 22.38 -9.32
C PRO D 86 2.64 22.81 -10.74
N GLN D 87 3.09 21.88 -11.57
CA GLN D 87 3.48 22.22 -12.94
C GLN D 87 2.54 21.59 -13.96
N GLN D 88 1.35 21.20 -13.52
CA GLN D 88 0.41 20.48 -14.37
C GLN D 88 -0.18 21.33 -15.48
N ASP D 89 -0.21 22.65 -15.28
CA ASP D 89 -0.78 23.56 -16.27
C ASP D 89 0.21 23.87 -17.39
N LEU D 90 1.41 23.31 -17.29
CA LEU D 90 2.44 23.57 -18.28
C LEU D 90 2.77 22.30 -19.08
N LEU D 91 2.14 21.20 -18.70
CA LEU D 91 2.43 19.90 -19.32
C LEU D 91 2.29 19.88 -20.84
N ALA D 92 1.24 20.52 -21.34
CA ALA D 92 0.99 20.56 -22.78
C ALA D 92 2.11 21.28 -23.52
N THR D 93 2.57 22.39 -22.96
CA THR D 93 3.63 23.19 -23.59
C THR D 93 5.00 22.51 -23.51
N LEU D 94 5.24 21.82 -22.39
CA LEU D 94 6.52 21.18 -22.13
C LEU D 94 6.81 20.00 -23.05
N GLY D 95 5.76 19.33 -23.50
CA GLY D 95 5.90 18.18 -24.38
C GLY D 95 6.49 18.58 -25.73
N ARG D 96 6.32 19.85 -26.07
CA ARG D 96 6.84 20.42 -27.30
C ARG D 96 8.36 20.60 -27.20
N ILE D 97 8.87 20.55 -25.98
CA ILE D 97 10.32 20.64 -25.73
C ILE D 97 10.93 19.25 -25.66
N ALA D 98 10.30 18.39 -24.86
CA ALA D 98 10.75 17.02 -24.67
C ALA D 98 9.63 16.20 -24.06
N PRO D 99 9.66 14.87 -24.20
CA PRO D 99 8.67 14.02 -23.54
C PRO D 99 8.60 14.30 -22.03
N VAL D 100 7.38 14.37 -21.49
CA VAL D 100 7.16 14.75 -20.10
C VAL D 100 6.59 13.61 -19.27
N VAL D 101 7.15 13.41 -18.08
CA VAL D 101 6.61 12.46 -17.11
C VAL D 101 5.95 13.22 -15.95
N TYR D 102 4.63 13.12 -15.85
CA TYR D 102 3.86 13.85 -14.85
C TYR D 102 3.59 13.02 -13.60
N LEU D 103 4.21 13.42 -12.49
CA LEU D 103 4.07 12.70 -11.22
C LEU D 103 3.49 13.54 -10.07
N PRO D 104 2.16 13.50 -9.89
CA PRO D 104 1.48 14.25 -8.83
C PRO D 104 1.62 13.53 -7.49
N ASN D 105 1.39 14.19 -6.37
CA ASN D 105 1.67 13.56 -5.07
C ASN D 105 1.06 14.24 -3.83
N PHE D 106 0.33 15.33 -3.99
CA PHE D 106 -0.22 15.99 -2.80
C PHE D 106 -1.63 16.54 -2.87
N SER D 107 -2.59 15.73 -3.32
CA SER D 107 -3.98 16.14 -3.19
C SER D 107 -4.47 15.67 -1.82
N GLU D 108 -5.72 15.99 -1.48
CA GLU D 108 -6.26 15.60 -0.18
C GLU D 108 -6.51 14.09 -0.10
N GLN D 109 -6.53 13.42 -1.24
CA GLN D 109 -6.78 11.98 -1.30
C GLN D 109 -5.48 11.17 -1.40
N ASP D 110 -4.40 11.82 -1.79
CA ASP D 110 -3.11 11.12 -1.88
C ASP D 110 -2.54 10.87 -0.49
N ASN D 111 -2.02 9.66 -0.27
CA ASN D 111 -1.34 9.36 0.98
C ASN D 111 0.10 9.84 0.99
N ALA D 112 0.37 10.89 0.22
CA ALA D 112 1.68 11.55 0.13
C ALA D 112 2.86 10.61 0.18
N ALA D 113 3.09 10.03 1.35
CA ALA D 113 4.26 9.19 1.62
C ALA D 113 4.24 7.92 0.78
N GLN D 114 3.13 7.19 0.83
CA GLN D 114 2.99 5.96 0.05
C GLN D 114 3.22 6.19 -1.45
N VAL D 115 2.57 7.21 -1.99
CA VAL D 115 2.71 7.53 -3.41
C VAL D 115 4.13 8.00 -3.73
N ALA D 116 4.75 8.71 -2.79
CA ALA D 116 6.13 9.18 -2.97
C ALA D 116 7.07 7.98 -3.08
N ILE D 117 6.71 6.89 -2.41
CA ILE D 117 7.48 5.66 -2.50
C ILE D 117 7.15 4.98 -3.82
N SER D 118 5.86 5.00 -4.18
CA SER D 118 5.41 4.40 -5.43
C SER D 118 5.98 5.15 -6.64
N HIS D 119 6.17 6.46 -6.48
CA HIS D 119 6.80 7.26 -7.53
C HIS D 119 8.30 6.98 -7.57
N PHE D 120 8.87 6.76 -6.39
CA PHE D 120 10.28 6.42 -6.27
C PHE D 120 10.58 5.11 -6.97
N LYS D 121 9.63 4.18 -6.88
CA LYS D 121 9.75 2.89 -7.55
C LYS D 121 9.57 3.04 -9.05
N THR D 122 8.57 3.82 -9.46
CA THR D 122 8.27 4.03 -10.86
C THR D 122 9.42 4.76 -11.57
N LEU D 123 9.94 5.79 -10.92
CA LEU D 123 11.09 6.52 -11.47
C LEU D 123 12.32 5.64 -11.58
N ALA D 124 12.47 4.71 -10.64
CA ALA D 124 13.59 3.79 -10.65
C ALA D 124 13.54 2.87 -11.86
N THR D 125 12.36 2.31 -12.11
CA THR D 125 12.19 1.38 -13.24
C THR D 125 12.39 2.10 -14.56
N LEU D 126 11.92 3.35 -14.63
CA LEU D 126 12.03 4.13 -15.85
C LEU D 126 13.50 4.44 -16.16
N PHE D 127 14.30 4.61 -15.12
CA PHE D 127 15.71 4.96 -15.29
C PHE D 127 16.63 3.77 -15.04
N GLY D 128 16.03 2.59 -14.85
CA GLY D 128 16.81 1.37 -14.71
C GLY D 128 17.47 1.21 -13.34
N LYS D 129 17.35 2.24 -12.52
CA LYS D 129 17.94 2.23 -11.18
C LYS D 129 17.04 1.51 -10.17
N GLU D 130 16.58 0.31 -10.51
CA GLU D 130 15.66 -0.42 -9.66
C GLU D 130 16.32 -1.03 -8.44
N ALA D 131 17.56 -1.50 -8.62
CA ALA D 131 18.27 -2.17 -7.54
C ALA D 131 18.60 -1.22 -6.39
N VAL D 132 19.10 -0.03 -6.72
CA VAL D 132 19.44 0.96 -5.70
C VAL D 132 18.19 1.39 -4.95
N ALA D 133 17.06 1.44 -5.66
CA ALA D 133 15.79 1.85 -5.06
C ALA D 133 15.35 0.88 -3.98
N GLN D 134 15.41 -0.42 -4.28
CA GLN D 134 15.01 -1.43 -3.31
C GLN D 134 15.94 -1.41 -2.11
N GLN D 135 17.22 -1.20 -2.38
CA GLN D 135 18.23 -1.10 -1.34
C GLN D 135 17.94 0.07 -0.40
N LYS D 136 17.54 1.19 -0.99
CA LYS D 136 17.26 2.41 -0.23
C LYS D 136 16.00 2.24 0.61
N LEU D 137 14.98 1.63 0.03
CA LEU D 137 13.71 1.41 0.71
C LEU D 137 13.85 0.43 1.88
N GLU D 138 14.58 -0.65 1.67
CA GLU D 138 14.81 -1.64 2.72
C GLU D 138 15.61 -1.04 3.87
N ALA D 139 16.55 -0.15 3.54
CA ALA D 139 17.33 0.53 4.56
C ALA D 139 16.49 1.55 5.31
N MET D 140 15.52 2.13 4.61
CA MET D 140 14.63 3.10 5.23
C MET D 140 13.65 2.43 6.19
N TYR D 141 13.04 1.34 5.72
CA TYR D 141 12.09 0.58 6.52
C TYR D 141 12.76 0.00 7.77
N ALA D 142 13.99 -0.46 7.61
CA ALA D 142 14.75 -0.98 8.74
C ALA D 142 15.10 0.14 9.72
N ARG D 143 15.44 1.31 9.18
CA ARG D 143 15.78 2.46 10.02
C ARG D 143 14.57 2.90 10.84
N PHE D 144 13.38 2.77 10.26
CA PHE D 144 12.14 3.09 10.97
C PHE D 144 12.02 2.32 12.27
N SER D 145 12.19 1.00 12.21
CA SER D 145 12.04 0.16 13.39
C SER D 145 13.10 0.46 14.45
N GLU D 146 14.29 0.85 14.02
CA GLU D 146 15.33 1.25 14.96
C GLU D 146 14.93 2.51 15.72
N LEU D 147 14.46 3.51 14.99
CA LEU D 147 14.05 4.78 15.59
C LEU D 147 12.85 4.55 16.50
N LYS D 148 11.92 3.73 16.07
CA LYS D 148 10.77 3.37 16.90
C LYS D 148 11.25 2.71 18.19
N ALA D 149 12.24 1.83 18.05
CA ALA D 149 12.82 1.13 19.19
C ALA D 149 13.49 2.12 20.15
N SER D 150 14.22 3.08 19.60
CA SER D 150 14.89 4.09 20.40
C SER D 150 13.86 5.02 21.06
N LEU D 151 12.66 5.08 20.49
CA LEU D 151 11.59 5.91 21.04
C LEU D 151 10.81 5.22 22.17
N GLN D 152 10.64 3.91 22.08
CA GLN D 152 9.99 3.18 23.17
C GLN D 152 10.96 3.10 24.34
N HIS D 153 12.25 3.23 24.03
CA HIS D 153 13.26 3.42 25.06
C HIS D 153 13.30 4.93 25.27
N ALA D 154 13.84 5.39 26.41
CA ALA D 154 13.83 6.80 26.79
C ALA D 154 12.40 7.30 27.10
N PHE D 155 11.40 6.58 26.61
CA PHE D 155 10.00 6.87 26.90
C PHE D 155 9.39 5.63 27.54
N GLY D 156 8.17 5.75 28.05
CA GLY D 156 7.52 4.63 28.71
C GLY D 156 7.03 3.56 27.75
N ASP D 157 6.09 2.74 28.21
CA ASP D 157 5.44 1.76 27.36
C ASP D 157 4.36 2.48 26.58
N THR D 158 4.20 3.76 26.91
CA THR D 158 3.30 4.68 26.24
C THR D 158 4.04 5.70 25.36
N LEU D 159 4.16 5.42 24.07
CA LEU D 159 4.83 6.36 23.18
C LEU D 159 4.08 7.69 23.23
N PRO D 160 4.82 8.81 23.25
CA PRO D 160 4.16 10.09 23.47
C PRO D 160 3.33 10.56 22.30
N ALA D 161 2.57 11.62 22.51
CA ALA D 161 1.80 12.23 21.44
C ALA D 161 2.53 13.46 20.92
N VAL D 162 2.70 13.56 19.60
CA VAL D 162 3.53 14.60 19.00
C VAL D 162 2.75 15.44 18.00
N VAL D 163 2.98 16.76 18.04
CA VAL D 163 2.43 17.67 17.04
C VAL D 163 3.53 18.12 16.08
N THR D 164 3.33 17.86 14.80
CA THR D 164 4.28 18.30 13.78
C THR D 164 3.70 19.47 12.98
N LEU D 165 4.46 20.56 12.88
CA LEU D 165 3.97 21.75 12.20
C LEU D 165 5.09 22.57 11.57
N ARG D 166 4.71 23.52 10.73
CA ARG D 166 5.64 24.51 10.20
C ARG D 166 5.02 25.88 10.45
N PHE D 167 5.82 26.84 10.88
CA PHE D 167 5.30 28.18 11.12
C PHE D 167 4.99 28.91 9.81
N ALA D 168 3.80 29.49 9.72
CA ALA D 168 3.44 30.34 8.60
C ALA D 168 3.88 31.77 8.90
N ASN D 169 3.39 32.27 10.03
CA ASN D 169 3.81 33.55 10.58
C ASN D 169 3.88 33.40 12.10
N PRO D 170 4.44 34.41 12.81
CA PRO D 170 4.49 34.32 14.28
C PRO D 170 3.16 34.12 15.00
N THR D 171 2.04 34.15 14.28
CA THR D 171 0.74 33.97 14.94
C THR D 171 -0.08 32.80 14.36
N SER D 172 0.35 32.25 13.24
CA SER D 172 -0.35 31.11 12.64
C SER D 172 0.61 29.93 12.37
N VAL D 173 0.06 28.72 12.37
CA VAL D 173 0.87 27.52 12.23
C VAL D 173 0.25 26.53 11.24
N PHE D 174 1.08 25.86 10.47
CA PHE D 174 0.63 24.82 9.54
C PHE D 174 0.68 23.44 10.18
N LEU D 175 -0.46 22.98 10.71
CA LEU D 175 -0.56 21.64 11.27
C LEU D 175 -0.65 20.60 10.16
N TYR D 176 -0.01 19.46 10.36
CA TYR D 176 -0.01 18.40 9.35
C TYR D 176 -1.13 17.40 9.55
N THR D 177 -1.81 17.08 8.45
CA THR D 177 -3.01 16.26 8.49
C THR D 177 -2.69 14.77 8.46
N GLU D 178 -3.73 13.95 8.43
CA GLU D 178 -3.59 12.50 8.51
C GLU D 178 -2.94 11.91 7.25
N ASN D 179 -2.99 12.65 6.15
CA ASN D 179 -2.43 12.15 4.89
C ASN D 179 -1.07 12.75 4.57
N SER D 180 -0.52 13.52 5.49
CA SER D 180 0.78 14.17 5.28
C SER D 180 1.95 13.21 5.51
N THR D 181 3.13 13.61 5.05
CA THR D 181 4.34 12.81 5.27
C THR D 181 4.90 12.90 6.69
N PRO D 182 4.78 14.06 7.37
CA PRO D 182 5.23 14.00 8.76
C PRO D 182 4.36 13.07 9.60
N GLN D 183 3.07 13.01 9.26
CA GLN D 183 2.14 12.11 9.92
C GLN D 183 2.51 10.66 9.72
N TYR D 184 2.89 10.32 8.49
CA TYR D 184 3.32 8.97 8.16
C TYR D 184 4.53 8.60 9.00
N VAL D 185 5.45 9.55 9.15
CA VAL D 185 6.64 9.34 9.95
C VAL D 185 6.27 9.06 11.40
N LEU D 186 5.36 9.87 11.95
CA LEU D 186 4.89 9.69 13.32
C LEU D 186 4.28 8.31 13.52
N GLU D 187 3.54 7.84 12.52
CA GLU D 187 2.88 6.55 12.58
C GLU D 187 3.87 5.40 12.49
N GLN D 188 4.93 5.58 11.71
CA GLN D 188 5.95 4.56 11.55
C GLN D 188 6.79 4.45 12.82
N LEU D 189 6.81 5.52 13.60
CA LEU D 189 7.56 5.56 14.85
C LEU D 189 6.70 5.09 16.01
N GLY D 190 5.42 4.82 15.74
CA GLY D 190 4.51 4.36 16.77
C GLY D 190 3.93 5.50 17.60
N LEU D 191 4.19 6.72 17.14
CA LEU D 191 3.74 7.94 17.80
C LEU D 191 2.29 8.30 17.49
N SER D 192 1.64 8.95 18.44
CA SER D 192 0.27 9.44 18.28
C SER D 192 0.32 10.79 17.56
N SER D 193 -0.83 11.26 17.10
CA SER D 193 -0.88 12.49 16.31
C SER D 193 -1.00 13.74 17.17
N ALA D 194 -1.28 13.55 18.46
CA ALA D 194 -1.47 14.64 19.44
C ALA D 194 -2.44 15.75 19.04
N LEU D 195 -2.65 15.94 17.75
CA LEU D 195 -3.59 16.93 17.25
C LEU D 195 -3.93 16.55 15.82
N PRO D 196 -4.69 15.45 15.64
CA PRO D 196 -4.98 14.95 14.30
C PRO D 196 -5.83 15.92 13.48
N GLN D 197 -5.67 15.87 12.17
CA GLN D 197 -6.44 16.70 11.26
C GLN D 197 -6.88 15.87 10.06
N PRO D 198 -8.12 16.12 9.58
CA PRO D 198 -8.61 15.42 8.39
C PRO D 198 -7.74 15.72 7.17
N PRO D 199 -7.61 14.75 6.25
CA PRO D 199 -6.74 14.90 5.07
C PRO D 199 -7.02 16.14 4.26
N LYS D 200 -5.96 16.85 3.85
CA LYS D 200 -6.08 18.06 3.06
C LYS D 200 -4.96 18.13 2.02
N GLU D 201 -5.05 19.11 1.12
CA GLU D 201 -4.03 19.28 0.08
C GLU D 201 -2.69 19.67 0.70
N TRP D 202 -1.62 19.11 0.16
CA TRP D 202 -0.26 19.29 0.67
C TRP D 202 -0.10 18.78 2.11
N GLY D 203 -1.14 18.17 2.65
CA GLY D 203 -1.09 17.56 3.96
C GLY D 203 -1.10 18.54 5.12
N ILE D 204 -1.54 19.77 4.85
CA ILE D 204 -1.51 20.81 5.87
C ILE D 204 -2.86 21.48 6.14
N VAL D 205 -2.98 22.07 7.32
CA VAL D 205 -4.08 22.96 7.66
C VAL D 205 -3.51 24.19 8.36
N GLN D 206 -3.97 25.37 7.97
CA GLN D 206 -3.48 26.60 8.60
C GLN D 206 -4.34 26.96 9.81
N LYS D 207 -3.79 26.76 10.99
CA LYS D 207 -4.47 27.10 12.23
C LYS D 207 -3.80 28.29 12.91
N ARG D 208 -4.56 28.95 13.77
CA ARG D 208 -4.01 30.04 14.58
C ARG D 208 -3.12 29.44 15.65
N LEU D 209 -2.11 30.18 16.08
CA LEU D 209 -1.17 29.71 17.10
C LEU D 209 -1.94 29.38 18.38
N SER D 210 -3.08 30.02 18.56
CA SER D 210 -3.94 29.81 19.73
C SER D 210 -4.49 28.38 19.78
N GLU D 211 -4.35 27.64 18.68
CA GLU D 211 -4.82 26.26 18.61
C GLU D 211 -3.88 25.35 19.39
N LEU D 212 -2.65 25.82 19.62
CA LEU D 212 -1.68 25.06 20.39
C LEU D 212 -1.82 25.32 21.89
N GLN D 213 -2.87 26.03 22.28
CA GLN D 213 -3.08 26.34 23.69
C GLN D 213 -3.57 25.13 24.51
N HIS D 214 -4.22 24.18 23.85
CA HIS D 214 -4.80 23.03 24.57
C HIS D 214 -4.00 21.74 24.45
N VAL D 215 -2.91 21.75 23.68
CA VAL D 215 -2.01 20.60 23.64
C VAL D 215 -1.07 20.69 24.86
N GLU D 216 -1.58 20.23 25.99
CA GLU D 216 -0.86 20.35 27.26
C GLU D 216 0.17 19.27 27.51
N GLN D 217 -0.28 18.02 27.56
CA GLN D 217 0.60 16.91 27.92
C GLN D 217 1.37 16.31 26.75
N GLY D 218 1.09 16.78 25.53
CA GLY D 218 1.82 16.26 24.39
C GLY D 218 3.10 17.00 24.05
N TYR D 219 3.64 16.71 22.87
CA TYR D 219 4.89 17.30 22.40
C TYR D 219 4.66 18.09 21.11
N VAL D 220 5.36 19.20 20.97
CA VAL D 220 5.23 20.00 19.75
C VAL D 220 6.58 20.16 19.05
N LEU D 221 6.64 19.71 17.80
CA LEU D 221 7.85 19.84 17.00
C LEU D 221 7.57 20.69 15.76
N TYR D 222 8.47 21.62 15.46
CA TYR D 222 8.31 22.46 14.28
C TYR D 222 9.54 22.38 13.38
N PHE D 223 9.30 22.25 12.08
CA PHE D 223 10.37 22.06 11.11
C PHE D 223 11.08 23.37 10.79
N LEU D 224 12.38 23.27 10.54
CA LEU D 224 13.20 24.41 10.14
C LEU D 224 13.36 24.41 8.63
N PRO D 225 13.71 25.58 8.05
CA PRO D 225 13.97 26.87 8.69
C PRO D 225 12.73 27.71 8.94
N PHE D 226 12.86 28.65 9.87
CA PHE D 226 11.85 29.67 10.10
C PHE D 226 12.56 30.94 10.55
N ALA D 227 12.52 31.99 9.73
CA ALA D 227 13.35 33.18 9.95
C ALA D 227 13.02 33.92 11.25
N GLU D 228 11.80 33.76 11.76
CA GLU D 228 11.41 34.47 12.98
C GLU D 228 11.13 33.55 14.17
N GLU D 229 11.87 32.44 14.25
CA GLU D 229 11.69 31.52 15.38
C GLU D 229 12.05 32.22 16.69
N LYS D 230 13.15 32.96 16.68
CA LYS D 230 13.59 33.72 17.85
C LYS D 230 12.49 34.69 18.27
N LYS D 231 11.84 35.31 17.29
CA LYS D 231 10.75 36.24 17.54
C LYS D 231 9.59 35.54 18.25
N VAL D 232 9.27 34.35 17.79
CA VAL D 232 8.17 33.56 18.36
C VAL D 232 8.57 33.06 19.74
N GLN D 233 9.84 32.65 19.88
CA GLN D 233 10.34 32.10 21.13
C GLN D 233 10.24 33.12 22.26
N LYS D 234 10.46 34.38 21.94
CA LYS D 234 10.39 35.45 22.93
C LYS D 234 8.99 36.07 23.01
N SER D 235 8.05 35.54 22.23
CA SER D 235 6.70 36.09 22.21
C SER D 235 5.93 35.72 23.48
N VAL D 236 4.93 36.54 23.82
CA VAL D 236 4.17 36.35 25.05
C VAL D 236 3.27 35.12 25.00
N LEU D 237 2.74 34.84 23.82
CA LEU D 237 1.77 33.76 23.67
C LEU D 237 2.46 32.39 23.69
N TRP D 238 3.63 32.32 23.06
CA TRP D 238 4.36 31.05 22.93
C TRP D 238 4.92 30.63 24.28
N ARG D 239 5.39 31.59 25.07
CA ARG D 239 5.94 31.29 26.38
C ARG D 239 4.85 30.82 27.33
N ALA D 240 3.60 31.16 27.02
CA ALA D 240 2.46 30.77 27.85
C ALA D 240 1.92 29.40 27.46
N MET D 241 2.50 28.81 26.43
CA MET D 241 2.09 27.49 25.97
C MET D 241 2.46 26.41 26.97
N PRO D 242 1.53 25.49 27.24
CA PRO D 242 1.72 24.39 28.18
C PRO D 242 2.92 23.51 27.84
N PHE D 243 3.05 23.16 26.56
CA PHE D 243 4.14 22.30 26.12
C PHE D 243 5.49 23.02 26.17
N VAL D 244 5.43 24.36 26.16
CA VAL D 244 6.65 25.16 26.24
C VAL D 244 7.16 25.24 27.67
N GLN D 245 6.26 25.54 28.60
CA GLN D 245 6.62 25.63 30.02
C GLN D 245 7.01 24.28 30.58
N ALA D 246 6.43 23.21 30.04
CA ALA D 246 6.74 21.86 30.50
C ALA D 246 8.03 21.34 29.85
N GLY D 247 8.55 22.08 28.90
CA GLY D 247 9.81 21.75 28.26
C GLY D 247 9.69 20.66 27.20
N ARG D 248 8.46 20.40 26.77
CA ARG D 248 8.21 19.37 25.77
C ARG D 248 8.04 19.98 24.37
N VAL D 249 9.07 20.68 23.91
CA VAL D 249 9.03 21.30 22.59
C VAL D 249 10.45 21.47 22.05
N ASN D 250 10.62 21.19 20.76
CA ASN D 250 11.93 21.27 20.13
C ASN D 250 11.82 21.60 18.64
N SER D 251 12.96 21.93 18.04
CA SER D 251 13.01 22.29 16.62
C SER D 251 13.64 21.16 15.82
N VAL D 252 12.92 20.71 14.79
CA VAL D 252 13.42 19.66 13.91
C VAL D 252 14.34 20.22 12.84
N ARG D 253 15.49 19.58 12.65
CA ARG D 253 16.44 19.98 11.61
C ARG D 253 15.78 19.91 10.24
N PRO D 254 16.16 20.83 9.33
CA PRO D 254 15.50 21.00 8.03
C PRO D 254 15.34 19.72 7.22
N VAL D 255 14.09 19.27 7.10
CA VAL D 255 13.75 18.15 6.24
C VAL D 255 12.47 18.50 5.49
N TRP D 256 12.49 18.35 4.18
CA TRP D 256 11.37 18.77 3.34
C TRP D 256 10.13 17.92 3.58
N SER D 257 9.07 18.56 4.04
CA SER D 257 7.84 17.87 4.40
C SER D 257 7.00 17.48 3.19
N TYR D 258 7.42 17.93 2.01
CA TYR D 258 6.71 17.62 0.77
C TYR D 258 7.66 17.04 -0.26
N GLY D 259 8.51 16.12 0.18
CA GLY D 259 9.55 15.58 -0.67
C GLY D 259 9.24 14.21 -1.24
N GLY D 260 10.28 13.39 -1.39
CA GLY D 260 10.13 12.09 -2.00
C GLY D 260 10.13 10.95 -1.00
N ALA D 261 10.61 9.80 -1.44
CA ALA D 261 10.61 8.61 -0.59
C ALA D 261 11.64 8.70 0.52
N MET D 262 12.86 9.11 0.16
CA MET D 262 13.94 9.20 1.13
C MET D 262 13.72 10.37 2.08
N SER D 263 12.81 11.27 1.71
CA SER D 263 12.38 12.34 2.58
C SER D 263 11.82 11.79 3.87
N LEU D 264 11.11 10.66 3.76
CA LEU D 264 10.52 9.99 4.91
C LEU D 264 11.60 9.50 5.89
N ARG D 265 12.71 9.01 5.34
CA ARG D 265 13.80 8.51 6.18
C ARG D 265 14.47 9.67 6.91
N TYR D 266 14.87 10.68 6.14
CA TYR D 266 15.56 11.85 6.68
C TYR D 266 14.72 12.56 7.73
N SER D 267 13.42 12.64 7.50
CA SER D 267 12.51 13.29 8.44
C SER D 267 12.23 12.42 9.65
N ALA D 268 12.36 11.10 9.50
CA ALA D 268 12.18 10.19 10.61
C ALA D 268 13.36 10.31 11.58
N GLU D 269 14.56 10.37 11.03
CA GLU D 269 15.76 10.51 11.84
C GLU D 269 15.83 11.92 12.45
N ALA D 270 15.23 12.88 11.76
CA ALA D 270 15.25 14.26 12.21
C ALA D 270 14.27 14.47 13.37
N ILE D 271 13.08 13.89 13.24
CA ILE D 271 12.07 13.97 14.29
C ILE D 271 12.51 13.21 15.54
N THR D 272 12.96 11.97 15.35
CA THR D 272 13.42 11.14 16.47
C THR D 272 14.52 11.80 17.28
N GLU D 273 15.54 12.32 16.61
CA GLU D 273 16.67 12.96 17.31
C GLU D 273 16.23 14.21 18.07
N SER D 274 15.26 14.94 17.53
CA SER D 274 14.79 16.16 18.17
C SER D 274 13.77 15.83 19.25
N LEU D 275 13.30 14.59 19.25
CA LEU D 275 12.30 14.14 20.21
C LEU D 275 12.96 13.28 21.27
N LEU D 276 14.16 12.79 20.97
CA LEU D 276 14.97 12.09 21.97
C LEU D 276 15.47 13.12 22.97
N ALA D 277 15.76 14.32 22.48
CA ALA D 277 15.95 15.48 23.35
C ALA D 277 14.59 15.81 23.98
N VAL D 278 14.61 16.69 24.98
CA VAL D 278 13.42 17.07 25.75
C VAL D 278 12.58 15.86 26.23
N ALA D 279 13.17 14.68 26.20
CA ALA D 279 12.55 13.48 26.73
C ALA D 279 12.89 13.29 28.20
N PRO D 280 12.01 12.63 28.97
CA PRO D 280 12.23 12.36 30.39
C PRO D 280 13.57 11.69 30.66
FE DEF E . -6.20 -14.97 11.68
O11 DEF E . -7.00 -13.61 12.86
O12 DEF E . -4.85 -15.43 13.21
O21 DEF E . -7.32 -16.49 12.42
O22 DEF E . -6.82 -15.49 9.73
O31 DEF E . -6.45 -13.34 10.77
O32 DEF E . -4.52 -15.44 11.36
N11 DEF E . -6.53 -13.94 14.13
C11 DEF E . -5.81 -15.24 14.36
C12 DEF E . -6.22 -16.24 15.21
C13 DEF E . -7.25 -15.98 16.30
C14 DEF E . -8.70 -16.09 15.82
O13 DEF E . -9.38 -17.00 16.28
N12 DEF E . -9.24 -15.15 14.85
C15 DEF E . -10.60 -15.20 14.36
C16 DEF E . -11.06 -16.61 13.94
C18 DEF E . -9.49 -18.21 12.71
C17 DEF E . -10.52 -17.07 12.58
C19 DEF E . -8.61 -18.35 11.45
N21 DEF E . -7.76 -17.19 11.30
C21 DEF E . -7.87 -16.37 10.08
C22 DEF E . -8.76 -16.75 9.11
C23 DEF E . -8.94 -15.84 7.89
C24 DEF E . -9.19 -14.39 8.27
O23 DEF E . -9.78 -14.11 9.31
N22 DEF E . -8.74 -13.32 7.40
C25 DEF E . -8.99 -11.96 7.76
C26 DEF E . -8.07 -11.48 8.89
C27 DEF E . -6.64 -11.17 8.39
C28 DEF E . -5.73 -10.71 9.54
C29 DEF E . -4.53 -11.64 9.80
N31 DEF E . -4.97 -12.92 10.31
C31 DEF E . -3.96 -14.36 10.54
C32 DEF E . -2.99 -14.63 9.62
C39 DEF E . -6.36 -12.87 15.07
FE DEF F . -9.37 10.44 -36.43
O11 DEF F . -10.87 11.41 -37.23
O12 DEF F . -10.25 10.65 -34.55
O21 DEF F . -10.20 8.60 -36.46
O22 DEF F . -7.74 9.65 -37.49
O31 DEF F . -8.83 11.78 -37.63
O32 DEF F . -8.38 10.74 -34.98
N11 DEF F . -11.90 11.32 -36.30
C11 DEF F . -11.71 10.64 -34.97
C12 DEF F . -12.74 10.46 -34.09
C13 DEF F . -13.64 9.21 -34.17
C14 DEF F . -14.29 9.02 -35.55
O13 DEF F . -15.40 9.46 -35.78
N12 DEF F . -13.57 8.32 -36.58
C15 DEF F . -14.16 8.10 -37.88
C16 DEF F . -13.55 6.85 -38.51
C18 DEF F . -11.21 6.33 -37.62
C17 DEF F . -12.03 7.01 -38.73
C19 DEF F . -9.70 6.58 -37.79
N21 DEF F . -9.36 7.90 -37.33
C21 DEF F . -8.60 8.79 -38.20
C22 DEF F . -9.35 9.38 -39.17
C23 DEF F . -9.10 9.11 -40.65
C24 DEF F . -8.69 10.38 -41.39
O23 DEF F . -9.53 11.06 -41.96
N22 DEF F . -7.33 10.82 -41.39
C25 DEF F . -7.00 12.01 -42.11
C26 DEF F . -7.19 13.30 -41.31
C27 DEF F . -7.54 13.12 -39.84
C28 DEF F . -6.51 13.71 -38.84
C29 DEF F . -6.97 13.75 -37.37
N31 DEF F . -7.62 12.53 -36.94
C31 DEF F . -7.25 11.53 -35.50
C32 DEF F . -5.98 11.08 -35.32
C39 DEF F . -13.14 11.95 -36.62
FE DEF G . 1.71 1.44 35.37
O11 DEF G . 2.99 2.43 34.25
O12 DEF G . 3.27 1.06 36.70
O21 DEF G . 1.27 3.01 36.56
O22 DEF G . -0.34 1.14 35.03
O31 DEF G . 1.51 0.92 33.57
O32 DEF G . 1.86 -0.08 36.28
N11 DEF G . 4.14 2.58 35.04
C11 DEF G . 4.04 2.34 36.51
C12 DEF G . 4.22 3.29 37.49
C13 DEF G . 4.87 4.64 37.17
C14 DEF G . 3.88 5.70 36.67
O13 DEF G . 3.72 6.71 37.34
N12 DEF G . 3.18 5.51 35.43
C15 DEF G . 2.25 6.46 34.87
C16 DEF G . 1.14 6.92 35.83
C18 DEF G . -0.06 5.34 37.43
C17 DEF G . 0.00 5.90 36.00
C19 DEF G . -0.79 3.98 37.49
N21 DEF G . -0.12 3.00 36.65
C21 DEF G . -0.83 2.36 35.55
C22 DEF G . -2.14 2.71 35.31
C23 DEF G . -2.87 2.17 34.07
C24 DEF G . -2.07 2.32 32.78
O23 DEF G . -1.33 3.28 32.62
N22 DEF G . -2.19 1.33 31.75
C25 DEF G . -1.46 1.45 30.52
C26 DEF G . 0.03 1.10 30.72
C27 DEF G . 0.24 -0.41 30.92
C28 DEF G . 1.73 -0.76 31.11
C29 DEF G . 2.01 -1.52 32.43
N31 DEF G . 1.78 -0.65 33.57
C31 DEF G . 1.74 -1.15 35.28
C32 DEF G . 1.20 -2.36 35.62
C39 DEF G . 5.42 2.53 34.40
FE DEF H . 6.03 26.64 -0.64
O11 DEF H . 4.46 27.70 -0.16
O12 DEF H . 5.99 27.56 -2.50
O21 DEF H . 7.40 28.05 -0.16
O22 DEF H . 7.02 25.28 0.62
O31 DEF H . 4.71 25.60 0.20
O32 DEF H . 6.46 25.74 -2.11
N11 DEF H . 4.61 28.88 -0.89
C11 DEF H . 5.54 28.95 -2.08
C12 DEF H . 5.56 30.01 -2.94
C13 DEF H . 6.17 31.37 -2.56
C14 DEF H . 7.24 31.33 -1.46
O13 DEF H . 8.41 31.34 -1.85
N12 DEF H . 6.86 31.32 -0.06
C15 DEF H . 7.70 31.31 1.12
C16 DEF H . 9.19 31.00 0.91
C18 DEF H . 10.35 28.76 0.40
C17 DEF H . 9.57 29.60 1.43
C19 DEF H . 9.73 27.35 0.24
N21 DEF H . 8.33 27.36 0.60
C21 DEF H . 7.78 26.23 1.34
C22 DEF H . 7.95 26.13 2.69
C23 DEF H . 6.98 25.30 3.55
C24 DEF H . 5.52 25.76 3.43
O23 DEF H . 5.26 26.88 3.04
N22 DEF H . 4.48 24.84 3.80
C25 DEF H . 3.09 25.21 3.72
C26 DEF H . 2.59 25.42 2.28
C27 DEF H . 2.47 24.11 1.45
C28 DEF H . 1.96 24.39 0.03
C29 DEF H . 2.94 23.97 -1.09
N31 DEF H . 4.21 24.64 -0.96
C31 DEF H . 5.60 24.55 -2.07
C32 DEF H . 6.11 23.33 -2.38
C39 DEF H . 3.82 29.99 -0.49
#